data_5S6Y
#
_entry.id   5S6Y
#
_cell.length_a   149.960
_cell.length_b   149.960
_cell.length_c   111.750
_cell.angle_alpha   90.000
_cell.angle_beta   90.000
_cell.angle_gamma   120.000
#
_symmetry.space_group_name_H-M   'P 63'
#
loop_
_entity.id
_entity.type
_entity.pdbx_description
1 polymer 'Uridylate-specific endoribonuclease'
2 non-polymer 'CITRIC ACID'
3 non-polymer N-[(furan-2-yl)methyl]urea
4 water water
#
_entity_poly.entity_id   1
_entity_poly.type   'polypeptide(L)'
_entity_poly.pdbx_seq_one_letter_code
;GAMSLENVAFNVVNKGHFDGQQGEVPVSIINNTVYTKVDGVDVELFENKTTLPVNVAFELWAKRNIKPVPEVKILNNLGV
DIAANTVIWDYKRDAPAHISTIGVCSMTDIAKKPTETICAPLTVFFDGRVDGQVDLFRNARNGVLITEGSVKGLQPSVGP
KQASLNGVTLIGEAVKTQFNYYKKVDGVVQQLPETYFTQSRNLQEFKPRSQMEIDFLELAMDEFIERYKLEGYAFEHIVY
GDFSHSQLGGLHLLIGLAKRFKESPFELEDFIPMDSTVKNYFITDAQTGSSKCVCSVIDLLLDDFVEIIKSQDLSVVSKV
VKVTIDYTEISFMLWCKDGHVETFYPKLQ
;
_entity_poly.pdbx_strand_id   A,B
#
loop_
_chem_comp.id
_chem_comp.type
_chem_comp.name
_chem_comp.formula
CIT non-polymer 'CITRIC ACID' 'C6 H8 O7'
WUJ non-polymer N-[(furan-2-yl)methyl]urea 'C6 H8 N2 O2'
#
# COMPACT_ATOMS: atom_id res chain seq x y z
N ALA A 2 -15.92 32.00 -7.74
CA ALA A 2 -15.91 33.46 -7.80
C ALA A 2 -14.63 34.00 -7.13
N MET A 3 -13.48 33.54 -7.67
CA MET A 3 -12.12 33.87 -7.21
C MET A 3 -11.71 35.36 -7.36
N SER A 4 -11.21 35.93 -6.28
CA SER A 4 -10.82 37.33 -6.25
C SER A 4 -9.77 37.63 -5.18
N LEU A 5 -9.02 38.70 -5.34
CA LEU A 5 -8.00 39.13 -4.40
C LEU A 5 -8.66 39.43 -3.03
N GLU A 6 -9.80 40.12 -3.04
CA GLU A 6 -10.56 40.50 -1.86
C GLU A 6 -11.13 39.31 -1.11
N ASN A 7 -11.49 38.24 -1.84
CA ASN A 7 -12.01 37.01 -1.25
C ASN A 7 -10.88 36.19 -0.63
N VAL A 8 -9.69 36.15 -1.27
CA VAL A 8 -8.52 35.43 -0.75
C VAL A 8 -8.13 36.06 0.59
N ALA A 9 -8.09 37.40 0.63
CA ALA A 9 -7.75 38.21 1.79
C ALA A 9 -8.74 38.02 2.91
N PHE A 10 -10.04 37.88 2.58
CA PHE A 10 -11.11 37.61 3.53
C PHE A 10 -10.81 36.26 4.21
N ASN A 11 -10.45 35.25 3.43
CA ASN A 11 -10.12 33.94 3.95
C ASN A 11 -8.87 33.96 4.79
N VAL A 12 -7.87 34.76 4.42
CA VAL A 12 -6.64 34.86 5.19
C VAL A 12 -6.95 35.48 6.55
N VAL A 13 -7.72 36.57 6.55
CA VAL A 13 -8.15 37.29 7.74
C VAL A 13 -9.05 36.43 8.68
N ASN A 14 -10.10 35.82 8.14
CA ASN A 14 -11.05 35.07 8.93
C ASN A 14 -10.71 33.62 9.21
N LYS A 15 -10.08 32.91 8.25
CA LYS A 15 -9.77 31.49 8.39
C LYS A 15 -8.29 31.16 8.54
N GLY A 16 -7.42 32.15 8.58
CA GLY A 16 -5.98 31.91 8.72
C GLY A 16 -5.29 31.43 7.45
N HIS A 17 -6.07 31.12 6.41
CA HIS A 17 -5.66 30.63 5.09
C HIS A 17 -6.90 30.57 4.17
N PHE A 18 -6.72 30.20 2.90
CA PHE A 18 -7.84 30.08 1.97
C PHE A 18 -8.62 28.82 2.32
N ASP A 19 -9.91 28.97 2.60
CA ASP A 19 -10.77 27.86 3.02
C ASP A 19 -12.12 27.77 2.25
N GLY A 20 -12.15 28.35 1.05
CA GLY A 20 -13.33 28.34 0.20
C GLY A 20 -14.51 29.17 0.71
N GLN A 21 -14.27 30.00 1.74
CA GLN A 21 -15.35 30.80 2.29
C GLN A 21 -15.65 32.01 1.41
N GLN A 22 -16.89 32.46 1.45
CA GLN A 22 -17.37 33.61 0.70
C GLN A 22 -17.22 34.86 1.55
N GLY A 23 -16.90 35.96 0.89
CA GLY A 23 -16.73 37.23 1.58
C GLY A 23 -15.57 38.01 1.01
N GLU A 24 -15.52 39.30 1.32
CA GLU A 24 -14.44 40.16 0.83
C GLU A 24 -14.02 41.12 1.89
N VAL A 25 -12.73 41.40 1.92
CA VAL A 25 -12.14 42.43 2.77
C VAL A 25 -11.42 43.40 1.84
N PRO A 26 -11.48 44.71 2.10
CA PRO A 26 -10.78 45.66 1.22
C PRO A 26 -9.27 45.49 1.37
N VAL A 27 -8.60 45.42 0.23
CA VAL A 27 -7.16 45.24 0.14
C VAL A 27 -6.48 46.41 -0.58
N SER A 28 -5.27 46.73 -0.14
CA SER A 28 -4.44 47.69 -0.84
C SER A 28 -3.09 47.01 -1.11
N ILE A 29 -2.61 47.10 -2.35
CA ILE A 29 -1.33 46.52 -2.73
C ILE A 29 -0.29 47.61 -2.91
N ILE A 30 0.81 47.53 -2.16
CA ILE A 30 1.90 48.53 -2.21
C ILE A 30 3.23 47.82 -2.22
N ASN A 31 4.19 48.18 -3.11
N ASN A 31 3.82 47.97 -3.42
CA ASN A 31 5.58 47.62 -3.06
CA ASN A 31 5.04 47.42 -3.98
C ASN A 31 5.76 46.18 -2.47
C ASN A 31 4.81 45.91 -4.15
N ASN A 32 5.37 45.16 -3.24
CA ASN A 32 5.36 43.71 -3.06
C ASN A 32 4.70 43.29 -1.77
N THR A 33 3.77 44.09 -1.24
CA THR A 33 3.09 43.79 0.02
C THR A 33 1.58 43.98 -0.10
N VAL A 34 0.82 43.03 0.47
CA VAL A 34 -0.62 43.05 0.51
C VAL A 34 -1.05 43.56 1.88
N TYR A 35 -1.99 44.51 1.91
CA TYR A 35 -2.47 45.09 3.16
C TYR A 35 -3.99 45.01 3.26
N THR A 36 -4.51 45.02 4.49
CA THR A 36 -5.95 45.12 4.71
C THR A 36 -6.27 46.23 5.72
N LYS A 37 -7.33 46.97 5.48
CA LYS A 37 -7.73 48.06 6.38
C LYS A 37 -8.39 47.45 7.66
N VAL A 38 -7.73 47.45 8.82
CA VAL A 38 -8.35 46.96 10.06
C VAL A 38 -8.58 48.17 10.90
N ASP A 39 -9.86 48.60 10.93
CA ASP A 39 -10.33 49.79 11.61
C ASP A 39 -9.54 51.05 11.22
N GLY A 40 -9.52 51.35 9.93
CA GLY A 40 -8.87 52.57 9.46
C GLY A 40 -7.41 52.50 9.09
N VAL A 41 -6.63 51.57 9.68
CA VAL A 41 -5.21 51.48 9.36
C VAL A 41 -4.86 50.20 8.66
N ASP A 42 -3.83 50.25 7.82
CA ASP A 42 -3.41 49.09 7.06
C ASP A 42 -2.58 48.14 7.85
N VAL A 43 -2.93 46.86 7.73
CA VAL A 43 -2.26 45.76 8.40
C VAL A 43 -1.72 44.86 7.31
N GLU A 44 -0.43 44.57 7.39
CA GLU A 44 0.24 43.71 6.39
C GLU A 44 -0.20 42.26 6.49
N LEU A 45 -0.69 41.71 5.37
CA LEU A 45 -1.13 40.32 5.28
C LEU A 45 -0.10 39.42 4.63
N PHE A 46 0.69 39.97 3.70
CA PHE A 46 1.62 39.16 2.95
C PHE A 46 2.73 40.01 2.32
N GLU A 47 3.97 39.52 2.43
CA GLU A 47 5.10 40.18 1.79
C GLU A 47 5.64 39.23 0.75
N ASN A 48 5.49 39.62 -0.52
CA ASN A 48 5.95 38.82 -1.63
C ASN A 48 7.46 38.69 -1.70
N LYS A 49 7.96 37.46 -1.47
CA LYS A 49 9.38 37.18 -1.61
C LYS A 49 9.68 36.39 -2.92
N THR A 50 8.66 36.17 -3.77
CA THR A 50 8.74 35.38 -4.99
C THR A 50 9.08 36.24 -6.22
N THR A 51 9.29 35.59 -7.35
CA THR A 51 9.47 36.24 -8.64
C THR A 51 8.10 36.37 -9.37
N LEU A 52 6.97 36.02 -8.71
CA LEU A 52 5.62 36.11 -9.27
C LEU A 52 5.01 37.46 -8.86
N PRO A 53 3.98 37.94 -9.58
CA PRO A 53 3.30 39.18 -9.15
C PRO A 53 2.75 39.04 -7.73
N VAL A 54 2.82 40.11 -6.97
CA VAL A 54 2.43 40.12 -5.56
C VAL A 54 1.04 39.52 -5.30
N ASN A 55 0.00 39.88 -6.08
CA ASN A 55 -1.33 39.31 -5.87
C ASN A 55 -1.41 37.83 -6.21
N VAL A 56 -0.62 37.41 -7.21
CA VAL A 56 -0.56 36.02 -7.61
C VAL A 56 0.11 35.17 -6.51
N ALA A 57 1.28 35.60 -6.01
CA ALA A 57 1.96 34.89 -4.92
C ALA A 57 1.11 34.86 -3.65
N PHE A 58 0.32 35.92 -3.36
CA PHE A 58 -0.58 36.00 -2.20
C PHE A 58 -1.63 34.87 -2.25
N GLU A 59 -2.25 34.69 -3.42
CA GLU A 59 -3.24 33.66 -3.60
C GLU A 59 -2.61 32.26 -3.47
N LEU A 60 -1.45 32.04 -4.09
CA LEU A 60 -0.76 30.75 -4.01
C LEU A 60 -0.37 30.39 -2.59
N TRP A 61 0.09 31.37 -1.83
CA TRP A 61 0.47 31.16 -0.44
C TRP A 61 -0.78 30.86 0.41
N ALA A 62 -1.87 31.62 0.21
CA ALA A 62 -3.11 31.37 0.91
C ALA A 62 -3.68 29.98 0.59
N LYS A 63 -3.43 29.48 -0.64
CA LYS A 63 -3.91 28.19 -1.11
C LYS A 63 -2.89 27.05 -0.95
N ARG A 64 -1.88 27.26 -0.09
CA ARG A 64 -0.85 26.28 0.22
C ARG A 64 -1.45 25.08 0.96
N ASN A 65 -0.82 23.91 0.81
CA ASN A 65 -1.28 22.71 1.49
C ASN A 65 -0.94 22.83 2.98
N ILE A 66 -1.98 22.85 3.83
CA ILE A 66 -1.80 22.91 5.27
C ILE A 66 -1.79 21.52 5.92
N LYS A 67 -1.68 20.45 5.12
CA LYS A 67 -1.57 19.10 5.66
C LYS A 67 -0.08 18.76 5.67
N PRO A 68 0.36 17.73 6.44
CA PRO A 68 1.79 17.37 6.40
C PRO A 68 2.10 16.87 4.99
N VAL A 69 3.07 17.48 4.31
CA VAL A 69 3.41 17.09 2.95
C VAL A 69 4.89 16.71 2.83
N PRO A 70 5.28 15.99 1.76
CA PRO A 70 6.71 15.66 1.59
C PRO A 70 7.59 16.91 1.58
N GLU A 71 8.81 16.82 2.12
CA GLU A 71 9.74 17.95 2.08
C GLU A 71 10.14 18.21 0.62
N VAL A 72 10.31 19.50 0.23
CA VAL A 72 10.64 19.94 -1.12
C VAL A 72 11.82 19.16 -1.68
N LYS A 73 12.88 18.89 -0.88
CA LYS A 73 14.03 18.09 -1.31
C LYS A 73 13.64 16.70 -1.81
N ILE A 74 12.68 16.04 -1.15
CA ILE A 74 12.18 14.73 -1.55
C ILE A 74 11.46 14.86 -2.90
N LEU A 75 10.53 15.82 -3.00
CA LEU A 75 9.76 16.06 -4.20
C LEU A 75 10.67 16.35 -5.40
N ASN A 76 11.76 17.09 -5.16
CA ASN A 76 12.74 17.52 -6.14
C ASN A 76 13.59 16.36 -6.57
N ASN A 77 14.03 15.52 -5.62
CA ASN A 77 14.82 14.35 -5.97
C ASN A 77 13.99 13.36 -6.77
N LEU A 78 12.65 13.36 -6.59
CA LEU A 78 11.69 12.52 -7.35
C LEU A 78 11.27 13.13 -8.69
N GLY A 79 11.76 14.30 -9.03
CA GLY A 79 11.45 14.95 -10.30
C GLY A 79 10.07 15.55 -10.40
N VAL A 80 9.51 16.01 -9.28
CA VAL A 80 8.17 16.60 -9.30
C VAL A 80 8.20 18.01 -9.93
N ASP A 81 7.38 18.23 -10.94
CA ASP A 81 7.30 19.49 -11.64
C ASP A 81 6.14 20.36 -11.17
N ILE A 82 5.03 19.73 -10.83
CA ILE A 82 3.79 20.41 -10.51
C ILE A 82 2.94 19.55 -9.55
N ALA A 83 2.08 20.18 -8.74
CA ALA A 83 1.22 19.44 -7.84
C ALA A 83 -0.21 19.42 -8.37
N ALA A 84 -0.99 18.38 -8.03
CA ALA A 84 -2.37 18.29 -8.47
C ALA A 84 -3.36 18.91 -7.49
N ASN A 85 -3.96 20.02 -7.88
CA ASN A 85 -5.01 20.73 -7.18
C ASN A 85 -4.62 21.20 -5.77
N THR A 86 -3.37 21.60 -5.61
CA THR A 86 -2.78 22.13 -4.37
C THR A 86 -1.52 22.95 -4.70
N VAL A 87 -0.97 23.67 -3.70
CA VAL A 87 0.28 24.38 -3.85
C VAL A 87 1.19 23.93 -2.74
N ILE A 88 2.37 23.40 -3.07
CA ILE A 88 3.34 23.03 -2.06
C ILE A 88 4.15 24.28 -1.81
N TRP A 89 4.00 24.86 -0.62
CA TRP A 89 4.75 26.04 -0.26
C TRP A 89 6.12 25.67 0.22
N ASP A 90 7.13 26.29 -0.35
CA ASP A 90 8.53 26.13 -0.01
C ASP A 90 8.81 27.23 1.02
N TYR A 91 8.79 26.87 2.28
CA TYR A 91 9.02 27.81 3.38
C TYR A 91 10.46 28.26 3.51
N LYS A 92 11.41 27.48 2.96
CA LYS A 92 12.84 27.81 2.94
C LYS A 92 13.15 28.90 1.90
N ARG A 93 12.37 28.96 0.81
CA ARG A 93 12.52 29.95 -0.24
C ARG A 93 11.42 31.00 -0.20
N ASP A 94 10.46 30.92 0.75
CA ASP A 94 9.28 31.82 0.84
C ASP A 94 8.56 31.92 -0.51
N ALA A 95 8.44 30.79 -1.21
CA ALA A 95 7.87 30.78 -2.55
C ALA A 95 7.21 29.46 -2.86
N PRO A 96 6.34 29.40 -3.90
CA PRO A 96 5.76 28.11 -4.27
C PRO A 96 6.86 27.15 -4.74
N ALA A 97 6.79 25.86 -4.39
CA ALA A 97 7.81 24.90 -4.80
C ALA A 97 7.81 24.70 -6.32
N HIS A 98 6.65 24.94 -6.99
CA HIS A 98 6.45 24.74 -8.41
C HIS A 98 6.01 26.01 -9.13
N ILE A 99 6.42 26.18 -10.41
CA ILE A 99 6.14 27.35 -11.24
C ILE A 99 4.67 27.49 -11.58
N SER A 100 4.06 26.40 -12.04
CA SER A 100 2.68 26.39 -12.46
C SER A 100 1.77 25.62 -11.49
N THR A 101 0.46 25.77 -11.66
CA THR A 101 -0.51 25.05 -10.86
C THR A 101 -1.52 24.28 -11.73
N ILE A 102 -2.30 23.43 -11.09
CA ILE A 102 -3.39 22.69 -11.71
C ILE A 102 -4.58 22.91 -10.82
N GLY A 103 -5.59 23.61 -11.34
CA GLY A 103 -6.83 23.93 -10.66
C GLY A 103 -6.68 24.63 -9.33
N VAL A 104 -5.82 25.67 -9.26
CA VAL A 104 -5.54 26.45 -8.05
C VAL A 104 -5.73 27.98 -8.24
N CYS A 105 -5.06 28.57 -9.22
CA CYS A 105 -5.05 30.00 -9.44
C CYS A 105 -5.04 30.25 -10.96
N SER A 106 -5.97 31.06 -11.47
CA SER A 106 -6.07 31.29 -12.92
C SER A 106 -4.81 31.91 -13.57
N MET A 107 -3.97 32.60 -12.80
CA MET A 107 -2.77 33.20 -13.35
C MET A 107 -1.62 32.20 -13.50
N THR A 108 -1.59 31.15 -12.65
CA THR A 108 -0.52 30.16 -12.72
C THR A 108 -0.97 28.81 -13.28
N ASP A 109 -2.27 28.58 -13.45
CA ASP A 109 -2.80 27.31 -13.93
C ASP A 109 -2.45 26.96 -15.35
N ILE A 110 -1.88 25.77 -15.55
CA ILE A 110 -1.66 25.25 -16.90
C ILE A 110 -2.86 24.39 -17.35
N ALA A 111 -3.66 23.89 -16.38
CA ALA A 111 -4.84 23.05 -16.53
C ALA A 111 -5.68 23.19 -15.25
N LYS A 112 -6.97 22.80 -15.32
CA LYS A 112 -7.84 22.78 -14.13
C LYS A 112 -7.79 21.37 -13.51
N LYS A 113 -7.72 20.32 -14.36
CA LYS A 113 -7.62 18.94 -13.93
C LYS A 113 -6.29 18.36 -14.42
N PRO A 114 -5.64 17.48 -13.64
CA PRO A 114 -4.36 16.91 -14.11
C PRO A 114 -4.49 15.94 -15.29
N THR A 115 -5.71 15.56 -15.66
CA THR A 115 -5.96 14.65 -16.79
C THR A 115 -5.80 15.33 -18.16
N GLU A 116 -5.67 16.67 -18.19
CA GLU A 116 -5.52 17.44 -19.43
C GLU A 116 -4.14 17.22 -20.02
N THR A 117 -4.06 17.11 -21.37
CA THR A 117 -2.87 16.77 -22.17
C THR A 117 -1.60 17.52 -21.81
N ILE A 118 -1.70 18.78 -21.37
CA ILE A 118 -0.54 19.59 -20.96
C ILE A 118 0.25 18.93 -19.80
N CYS A 119 -0.46 18.19 -18.93
CA CYS A 119 0.06 17.54 -17.74
C CYS A 119 0.73 16.22 -17.99
N ALA A 120 0.45 15.59 -19.15
CA ALA A 120 1.00 14.28 -19.45
C ALA A 120 2.52 14.25 -19.42
N PRO A 121 3.24 15.21 -20.04
CA PRO A 121 4.70 15.16 -19.97
C PRO A 121 5.34 15.59 -18.64
N LEU A 122 4.55 16.20 -17.76
CA LEU A 122 5.03 16.70 -16.47
C LEU A 122 4.76 15.71 -15.36
N THR A 123 5.66 15.61 -14.39
CA THR A 123 5.48 14.76 -13.25
C THR A 123 4.61 15.45 -12.21
N VAL A 124 3.34 15.12 -12.23
CA VAL A 124 2.35 15.67 -11.34
C VAL A 124 2.42 14.97 -9.97
N PHE A 125 2.31 15.72 -8.89
CA PHE A 125 2.30 15.19 -7.54
C PHE A 125 0.86 14.91 -7.17
N PHE A 126 0.60 13.69 -6.71
CA PHE A 126 -0.70 13.23 -6.29
C PHE A 126 -0.66 12.85 -4.86
N ASP A 127 -1.73 13.19 -4.17
CA ASP A 127 -1.90 12.94 -2.77
C ASP A 127 -3.05 11.97 -2.62
N GLY A 128 -2.73 10.72 -2.34
CA GLY A 128 -3.71 9.67 -2.12
C GLY A 128 -4.69 9.95 -0.99
N ARG A 129 -4.37 10.92 -0.11
CA ARG A 129 -5.27 11.36 0.97
C ARG A 129 -6.43 12.20 0.43
N VAL A 130 -6.35 12.71 -0.79
CA VAL A 130 -7.44 13.47 -1.40
C VAL A 130 -8.21 12.48 -2.28
N ASP A 131 -9.55 12.47 -2.18
CA ASP A 131 -10.40 11.60 -2.99
C ASP A 131 -10.11 11.70 -4.50
N GLY A 132 -9.90 10.54 -5.13
CA GLY A 132 -9.67 10.43 -6.57
C GLY A 132 -8.26 10.62 -7.07
N GLN A 133 -7.31 10.95 -6.18
CA GLN A 133 -5.93 11.20 -6.63
C GLN A 133 -5.13 9.94 -6.92
N VAL A 134 -5.46 8.80 -6.31
CA VAL A 134 -4.78 7.54 -6.64
C VAL A 134 -5.14 7.15 -8.09
N ASP A 135 -6.43 7.29 -8.46
CA ASP A 135 -6.89 6.98 -9.81
C ASP A 135 -6.30 7.93 -10.83
N LEU A 136 -6.22 9.22 -10.48
CA LEU A 136 -5.61 10.22 -11.37
C LEU A 136 -4.14 9.89 -11.64
N PHE A 137 -3.44 9.35 -10.62
CA PHE A 137 -2.08 8.90 -10.76
C PHE A 137 -2.02 7.69 -11.69
N ARG A 138 -2.96 6.76 -11.56
CA ARG A 138 -3.01 5.57 -12.43
C ARG A 138 -3.17 5.96 -13.90
N ASN A 139 -3.94 7.01 -14.18
CA ASN A 139 -4.13 7.48 -15.55
C ASN A 139 -3.12 8.55 -16.01
N ALA A 140 -2.30 9.07 -15.09
CA ALA A 140 -1.28 10.08 -15.42
C ALA A 140 -0.08 9.44 -16.05
N ARG A 141 0.44 10.04 -17.12
CA ARG A 141 1.60 9.50 -17.78
C ARG A 141 2.83 9.64 -16.86
N ASN A 142 2.96 10.79 -16.18
CA ASN A 142 4.05 11.03 -15.25
C ASN A 142 3.46 11.52 -13.93
N GLY A 143 4.01 11.06 -12.83
CA GLY A 143 3.51 11.43 -11.52
C GLY A 143 4.29 10.85 -10.36
N VAL A 144 4.02 11.39 -9.15
CA VAL A 144 4.56 10.93 -7.89
C VAL A 144 3.38 10.88 -6.95
N LEU A 145 3.16 9.74 -6.31
CA LEU A 145 2.02 9.56 -5.43
C LEU A 145 2.44 9.31 -4.02
N ILE A 146 1.70 9.87 -3.06
CA ILE A 146 1.92 9.57 -1.66
C ILE A 146 0.62 9.04 -1.09
N THR A 147 0.70 7.96 -0.30
CA THR A 147 -0.45 7.40 0.35
C THR A 147 -0.17 7.13 1.85
N GLU A 148 -1.24 6.91 2.60
CA GLU A 148 -1.16 6.56 4.01
C GLU A 148 -1.18 5.05 4.25
N GLY A 149 -1.63 4.30 3.24
CA GLY A 149 -1.67 2.85 3.29
C GLY A 149 -1.47 2.24 1.92
N SER A 150 -1.87 0.98 1.82
CA SER A 150 -1.78 0.13 0.65
C SER A 150 -2.60 0.60 -0.58
N VAL A 151 -2.02 0.47 -1.78
CA VAL A 151 -2.69 0.75 -3.05
C VAL A 151 -2.62 -0.59 -3.76
N LYS A 152 -3.78 -1.19 -4.08
CA LYS A 152 -3.82 -2.51 -4.68
C LYS A 152 -2.97 -2.64 -5.96
N GLY A 153 -2.09 -3.62 -5.94
CA GLY A 153 -1.20 -3.89 -7.07
C GLY A 153 0.05 -3.04 -7.18
N LEU A 154 0.05 -1.83 -6.54
CA LEU A 154 1.20 -0.91 -6.55
C LEU A 154 2.24 -1.16 -5.47
N GLN A 155 3.47 -1.52 -5.87
CA GLN A 155 4.59 -1.77 -4.96
C GLN A 155 5.06 -0.50 -4.26
N PRO A 156 4.96 -0.47 -2.93
CA PRO A 156 5.30 0.77 -2.21
C PRO A 156 6.77 0.95 -1.87
N SER A 157 7.11 2.22 -1.65
CA SER A 157 8.42 2.65 -1.22
C SER A 157 8.14 3.45 0.06
N VAL A 158 8.56 2.93 1.22
CA VAL A 158 8.33 3.63 2.49
C VAL A 158 9.25 4.85 2.50
N GLY A 159 8.67 6.04 2.64
CA GLY A 159 9.42 7.29 2.60
C GLY A 159 10.01 7.68 3.94
N PRO A 160 10.46 8.95 4.05
CA PRO A 160 11.02 9.39 5.35
C PRO A 160 9.94 9.46 6.44
N LYS A 161 10.37 9.38 7.71
CA LYS A 161 9.47 9.46 8.85
C LYS A 161 8.86 10.85 8.99
N GLN A 162 9.62 11.89 8.59
CA GLN A 162 9.20 13.26 8.71
C GLN A 162 8.54 13.83 7.45
N ALA A 163 7.69 14.80 7.69
CA ALA A 163 7.03 15.56 6.66
C ALA A 163 7.05 17.05 7.10
N SER A 164 6.70 17.96 6.21
CA SER A 164 6.61 19.37 6.51
C SER A 164 5.15 19.73 6.74
N LEU A 165 4.83 20.22 7.94
CA LEU A 165 3.49 20.69 8.23
C LEU A 165 3.61 22.20 8.46
N ASN A 166 3.09 23.00 7.51
CA ASN A 166 3.15 24.47 7.59
C ASN A 166 4.54 25.07 7.81
N GLY A 167 5.56 24.41 7.27
CA GLY A 167 6.92 24.86 7.43
C GLY A 167 7.70 24.16 8.51
N VAL A 168 7.02 23.35 9.31
CA VAL A 168 7.65 22.64 10.41
C VAL A 168 7.94 21.19 10.01
N THR A 169 9.20 20.80 10.04
CA THR A 169 9.57 19.44 9.74
C THR A 169 9.45 18.70 11.03
N LEU A 170 8.61 17.66 11.05
CA LEU A 170 8.35 16.88 12.25
C LEU A 170 7.96 15.46 11.92
N ILE A 171 8.08 14.58 12.93
CA ILE A 171 7.63 13.21 12.86
C ILE A 171 6.30 13.23 13.63
N GLY A 172 5.23 12.97 12.90
CA GLY A 172 3.88 13.06 13.43
C GLY A 172 3.48 12.05 14.47
N GLU A 173 2.68 12.51 15.43
CA GLU A 173 2.10 11.73 16.51
C GLU A 173 0.57 11.90 16.42
N ALA A 174 0.10 13.14 16.27
CA ALA A 174 -1.32 13.41 16.06
C ALA A 174 -1.71 13.24 14.57
N VAL A 175 -0.72 13.28 13.67
CA VAL A 175 -0.88 13.16 12.22
C VAL A 175 0.12 12.16 11.67
N LYS A 176 -0.21 11.56 10.55
CA LYS A 176 0.68 10.64 9.89
C LYS A 176 1.61 11.47 9.02
N THR A 177 2.93 11.23 9.15
CA THR A 177 3.94 11.92 8.32
C THR A 177 4.73 10.93 7.42
N GLN A 178 4.64 9.59 7.70
CA GLN A 178 5.31 8.62 6.88
C GLN A 178 4.39 8.15 5.77
N PHE A 179 4.80 8.41 4.54
CA PHE A 179 4.00 8.06 3.37
C PHE A 179 4.63 6.93 2.59
N ASN A 180 3.82 6.33 1.73
CA ASN A 180 4.21 5.34 0.75
C ASN A 180 4.41 6.18 -0.49
N TYR A 181 5.47 5.91 -1.20
CA TYR A 181 5.83 6.65 -2.39
C TYR A 181 5.73 5.79 -3.61
N TYR A 182 5.24 6.38 -4.69
CA TYR A 182 5.09 5.73 -5.98
C TYR A 182 5.51 6.73 -7.08
N LYS A 183 6.12 6.25 -8.15
CA LYS A 183 6.56 7.14 -9.25
C LYS A 183 6.20 6.53 -10.61
N LYS A 184 5.97 7.39 -11.61
CA LYS A 184 5.61 6.93 -12.94
C LYS A 184 6.38 7.73 -13.94
N VAL A 185 7.10 7.07 -14.85
CA VAL A 185 7.86 7.77 -15.88
C VAL A 185 7.45 7.24 -17.23
N ASP A 186 6.68 8.01 -17.99
CA ASP A 186 6.22 7.65 -19.34
C ASP A 186 5.19 6.53 -19.32
N GLY A 187 4.24 6.65 -18.42
CA GLY A 187 3.14 5.71 -18.24
C GLY A 187 3.53 4.44 -17.51
N VAL A 188 4.79 4.32 -17.08
CA VAL A 188 5.28 3.12 -16.45
C VAL A 188 5.64 3.38 -15.03
N VAL A 189 5.12 2.56 -14.12
CA VAL A 189 5.42 2.66 -12.71
C VAL A 189 6.88 2.33 -12.51
N GLN A 190 7.65 3.29 -12.03
CA GLN A 190 9.07 3.11 -11.83
C GLN A 190 9.37 2.71 -10.40
N GLN A 191 10.22 1.70 -10.26
CA GLN A 191 10.67 1.13 -9.00
C GLN A 191 11.57 2.16 -8.37
N LEU A 192 11.17 2.69 -7.23
CA LEU A 192 11.97 3.66 -6.52
C LEU A 192 13.10 2.91 -5.84
N PRO A 193 14.28 3.54 -5.80
CA PRO A 193 15.44 2.85 -5.24
C PRO A 193 15.44 2.70 -3.73
N GLU A 194 16.29 1.76 -3.24
CA GLU A 194 16.60 1.54 -1.84
C GLU A 194 17.44 2.75 -1.49
N THR A 195 17.06 3.43 -0.40
CA THR A 195 17.69 4.69 -0.06
C THR A 195 17.73 4.94 1.42
N TYR A 196 18.67 5.78 1.79
CA TYR A 196 18.80 6.34 3.11
C TYR A 196 17.96 7.66 3.10
N PHE A 197 17.72 8.24 4.27
CA PHE A 197 17.01 9.52 4.36
C PHE A 197 17.76 10.47 5.27
N THR A 198 17.78 11.75 4.87
CA THR A 198 18.36 12.78 5.70
C THR A 198 17.41 13.02 6.89
N GLN A 199 17.97 13.41 8.06
CA GLN A 199 17.17 13.58 9.27
C GLN A 199 16.49 14.94 9.43
N SER A 200 16.78 15.89 8.52
CA SER A 200 16.15 17.20 8.49
C SER A 200 16.19 17.99 9.81
N ARG A 201 17.29 17.83 10.59
CA ARG A 201 17.46 18.54 11.85
C ARG A 201 18.08 19.93 11.70
N ASN A 202 17.98 20.75 12.75
CA ASN A 202 18.52 22.09 12.84
C ASN A 202 19.76 22.07 13.72
N LEU A 203 20.59 23.11 13.61
CA LEU A 203 21.77 23.24 14.45
C LEU A 203 21.39 23.67 15.87
N GLN A 204 20.49 24.69 15.99
CA GLN A 204 20.04 25.27 17.25
C GLN A 204 19.34 24.26 18.15
N GLU A 205 18.56 23.35 17.55
CA GLU A 205 17.81 22.36 18.30
C GLU A 205 18.11 20.91 17.89
N PHE A 206 19.39 20.57 17.70
CA PHE A 206 19.78 19.23 17.31
C PHE A 206 19.59 18.22 18.44
N LYS A 207 18.80 17.17 18.17
CA LYS A 207 18.60 16.11 19.15
C LYS A 207 19.07 14.77 18.58
N PRO A 208 19.85 14.00 19.38
CA PRO A 208 20.28 12.67 18.92
C PRO A 208 19.11 11.70 18.73
N ARG A 209 19.12 10.96 17.62
CA ARG A 209 18.06 9.99 17.34
C ARG A 209 18.54 8.53 17.45
N SER A 210 19.67 8.29 18.15
CA SER A 210 20.22 6.96 18.38
C SER A 210 21.22 6.98 19.55
N GLN A 211 21.66 5.79 20.03
CA GLN A 211 22.65 5.69 21.11
C GLN A 211 24.02 6.11 20.60
N MET A 212 24.35 5.79 19.35
CA MET A 212 25.63 6.23 18.77
C MET A 212 25.70 7.76 18.72
N GLU A 213 24.58 8.42 18.42
CA GLU A 213 24.48 9.88 18.36
C GLU A 213 24.51 10.51 19.74
N ILE A 214 23.99 9.82 20.77
CA ILE A 214 24.03 10.28 22.15
C ILE A 214 25.51 10.24 22.61
N ASP A 215 26.20 9.10 22.32
CA ASP A 215 27.61 8.87 22.63
C ASP A 215 28.50 9.85 21.93
N PHE A 216 28.20 10.18 20.67
CA PHE A 216 29.01 11.15 19.93
C PHE A 216 28.92 12.52 20.57
N LEU A 217 27.71 12.97 20.93
CA LEU A 217 27.52 14.28 21.53
C LEU A 217 28.03 14.38 22.96
N GLU A 218 27.95 13.28 23.74
CA GLU A 218 28.40 13.31 25.13
C GLU A 218 29.90 12.99 25.30
N LEU A 219 30.37 11.89 24.71
CA LEU A 219 31.75 11.42 24.78
C LEU A 219 32.74 12.35 24.09
N ALA A 220 34.01 12.23 24.47
CA ALA A 220 35.13 12.93 23.84
C ALA A 220 35.47 12.23 22.51
N MET A 221 36.14 12.95 21.58
CA MET A 221 36.48 12.44 20.25
C MET A 221 37.15 11.04 20.24
N ASP A 222 38.34 10.91 20.84
CA ASP A 222 39.11 9.66 20.84
C ASP A 222 38.44 8.50 21.57
N GLU A 223 37.54 8.80 22.51
CA GLU A 223 36.84 7.75 23.24
C GLU A 223 35.54 7.32 22.52
N PHE A 224 34.95 8.19 21.67
CA PHE A 224 33.78 7.77 20.91
C PHE A 224 34.28 6.82 19.81
N ILE A 225 35.32 7.24 19.07
CA ILE A 225 35.94 6.47 17.99
C ILE A 225 36.42 5.08 18.48
N GLU A 226 36.92 5.04 19.73
CA GLU A 226 37.41 3.84 20.38
C GLU A 226 36.25 2.85 20.55
N ARG A 227 35.11 3.35 21.07
CA ARG A 227 33.91 2.57 21.31
C ARG A 227 33.29 1.99 20.04
N TYR A 228 33.26 2.80 18.98
CA TYR A 228 32.60 2.39 17.74
C TYR A 228 33.54 1.87 16.66
N LYS A 229 34.80 1.53 17.04
CA LYS A 229 35.79 0.94 16.14
C LYS A 229 36.01 1.78 14.88
N LEU A 230 36.00 3.12 15.02
CA LEU A 230 36.13 4.01 13.88
C LEU A 230 37.55 4.48 13.59
N GLU A 231 38.55 3.73 14.07
CA GLU A 231 39.95 4.05 13.83
C GLU A 231 40.26 3.78 12.35
N GLY A 232 41.06 4.66 11.75
CA GLY A 232 41.42 4.57 10.34
C GLY A 232 40.33 5.03 9.39
N TYR A 233 39.26 5.66 9.92
CA TYR A 233 38.14 6.11 9.10
C TYR A 233 38.00 7.65 9.01
N ALA A 234 39.01 8.40 9.50
CA ALA A 234 39.11 9.85 9.48
C ALA A 234 37.88 10.62 10.05
N PHE A 235 37.24 10.12 11.11
CA PHE A 235 36.10 10.84 11.72
C PHE A 235 36.55 12.15 12.39
N GLU A 236 37.80 12.20 12.85
CA GLU A 236 38.45 13.38 13.43
C GLU A 236 38.40 14.53 12.39
N HIS A 237 38.61 14.22 11.10
CA HIS A 237 38.56 15.19 10.01
C HIS A 237 37.11 15.36 9.50
N ILE A 238 36.49 14.28 8.98
CA ILE A 238 35.15 14.24 8.39
C ILE A 238 34.02 14.75 9.29
N VAL A 239 33.85 14.15 10.48
CA VAL A 239 32.71 14.49 11.34
C VAL A 239 33.03 15.55 12.37
N TYR A 240 34.12 15.41 13.11
CA TYR A 240 34.49 16.37 14.15
C TYR A 240 34.96 17.69 13.59
N GLY A 241 35.70 17.64 12.49
CA GLY A 241 36.24 18.85 11.88
C GLY A 241 37.58 19.28 12.44
N ASP A 242 38.44 19.80 11.56
CA ASP A 242 39.77 20.28 11.90
C ASP A 242 39.79 21.81 11.78
N PHE A 243 39.96 22.50 12.92
CA PHE A 243 39.96 23.95 12.95
C PHE A 243 41.36 24.51 13.21
N SER A 244 42.43 23.74 12.89
CA SER A 244 43.80 24.18 13.15
C SER A 244 44.43 25.02 12.02
N HIS A 245 44.06 24.77 10.76
CA HIS A 245 44.60 25.54 9.63
C HIS A 245 43.60 26.58 9.13
N SER A 246 44.06 27.53 8.27
CA SER A 246 43.19 28.59 7.74
C SER A 246 41.97 28.04 7.03
N GLN A 247 42.12 26.91 6.29
CA GLN A 247 40.98 26.25 5.69
C GLN A 247 40.46 25.20 6.69
N LEU A 248 39.16 25.27 7.04
CA LEU A 248 38.48 24.34 7.94
C LEU A 248 38.49 22.97 7.29
N GLY A 249 38.94 21.97 8.02
CA GLY A 249 39.03 20.61 7.51
C GLY A 249 37.81 19.79 7.84
N GLY A 250 37.28 19.12 6.84
CA GLY A 250 36.11 18.27 6.97
C GLY A 250 34.87 18.99 7.44
N LEU A 251 34.24 18.45 8.49
CA LEU A 251 32.99 18.93 9.10
C LEU A 251 31.87 18.86 8.06
N HIS A 252 31.50 17.63 7.65
CA HIS A 252 30.49 17.41 6.61
C HIS A 252 29.19 16.77 7.10
N LEU A 253 29.11 16.35 8.37
CA LEU A 253 27.90 15.73 8.93
C LEU A 253 27.30 16.73 9.91
N LEU A 254 25.98 16.99 9.84
CA LEU A 254 25.33 17.96 10.72
C LEU A 254 25.58 17.70 12.20
N ILE A 255 25.64 16.41 12.62
CA ILE A 255 25.91 16.06 14.01
C ILE A 255 27.26 16.68 14.52
N GLY A 256 28.26 16.74 13.66
CA GLY A 256 29.56 17.34 14.00
C GLY A 256 29.51 18.85 14.10
N LEU A 257 28.62 19.49 13.35
CA LEU A 257 28.43 20.93 13.42
C LEU A 257 27.68 21.25 14.73
N ALA A 258 26.69 20.42 15.10
CA ALA A 258 25.88 20.56 16.31
C ALA A 258 26.73 20.41 17.55
N LYS A 259 27.73 19.50 17.53
CA LYS A 259 28.61 19.31 18.67
C LYS A 259 29.51 20.52 18.84
N ARG A 260 30.08 21.01 17.71
CA ARG A 260 30.93 22.21 17.73
C ARG A 260 30.14 23.41 18.24
N PHE A 261 28.88 23.54 17.82
CA PHE A 261 27.96 24.61 18.18
C PHE A 261 27.78 24.83 19.70
N LYS A 262 27.79 23.75 20.50
CA LYS A 262 27.63 23.87 21.96
C LYS A 262 28.85 24.52 22.58
N GLU A 263 30.05 24.15 22.10
CA GLU A 263 31.29 24.72 22.59
C GLU A 263 31.46 26.16 22.06
N SER A 264 31.62 26.33 20.74
CA SER A 264 31.81 27.66 20.18
C SER A 264 30.97 27.94 18.94
N PRO A 265 30.58 29.21 18.75
CA PRO A 265 29.72 29.54 17.61
C PRO A 265 30.47 29.67 16.29
N PHE A 266 29.75 29.61 15.19
CA PHE A 266 30.32 29.75 13.86
C PHE A 266 29.23 30.25 12.91
N GLU A 267 29.65 30.86 11.80
CA GLU A 267 28.70 31.37 10.83
C GLU A 267 28.56 30.44 9.64
N LEU A 268 27.32 30.06 9.29
CA LEU A 268 27.05 29.22 8.13
C LEU A 268 26.33 30.11 7.16
N GLU A 269 26.99 30.49 6.09
CA GLU A 269 26.37 31.29 5.06
C GLU A 269 25.76 30.34 4.06
N ASP A 270 24.43 30.36 4.00
CA ASP A 270 23.67 29.51 3.11
C ASP A 270 23.51 30.28 1.81
N PHE A 271 24.52 30.24 0.92
CA PHE A 271 24.52 31.04 -0.30
C PHE A 271 23.55 30.57 -1.40
N ILE A 272 22.99 29.35 -1.29
CA ILE A 272 21.94 28.88 -2.19
C ILE A 272 20.81 28.42 -1.26
N PRO A 273 19.97 29.37 -0.77
CA PRO A 273 18.96 28.99 0.22
C PRO A 273 17.75 28.27 -0.36
N MET A 274 17.77 26.97 -0.21
CA MET A 274 16.75 26.08 -0.70
C MET A 274 16.87 24.74 0.01
N ASP A 275 15.85 23.90 -0.15
CA ASP A 275 15.85 22.59 0.43
C ASP A 275 16.61 21.62 -0.49
N SER A 276 17.65 20.97 0.03
CA SER A 276 18.41 19.95 -0.70
C SER A 276 18.99 18.91 0.24
N THR A 277 19.15 17.67 -0.25
CA THR A 277 19.73 16.54 0.49
C THR A 277 21.08 16.91 1.07
N VAL A 278 21.96 17.50 0.23
CA VAL A 278 23.26 18.00 0.64
C VAL A 278 23.19 19.54 0.60
N LYS A 279 23.65 20.20 1.67
CA LYS A 279 23.64 21.65 1.72
C LYS A 279 25.06 22.18 1.64
N ASN A 280 25.26 23.36 1.03
CA ASN A 280 26.59 23.95 0.96
C ASN A 280 26.60 25.23 1.75
N TYR A 281 27.62 25.40 2.58
CA TYR A 281 27.74 26.60 3.40
C TYR A 281 29.12 27.20 3.31
N PHE A 282 29.21 28.50 3.50
CA PHE A 282 30.50 29.19 3.60
C PHE A 282 30.61 29.29 5.12
N ILE A 283 31.41 28.42 5.73
CA ILE A 283 31.52 28.37 7.17
C ILE A 283 32.72 29.13 7.70
N THR A 284 32.53 29.93 8.74
CA THR A 284 33.60 30.67 9.40
C THR A 284 33.53 30.28 10.89
N ASP A 285 34.55 29.61 11.44
CA ASP A 285 34.56 29.25 12.86
C ASP A 285 34.95 30.50 13.68
N ALA A 286 34.07 31.01 14.56
CA ALA A 286 34.37 32.25 15.30
C ALA A 286 35.50 32.17 16.34
N GLN A 287 35.75 30.97 16.91
CA GLN A 287 36.81 30.82 17.90
C GLN A 287 38.20 30.84 17.27
N THR A 288 38.42 30.03 16.24
CA THR A 288 39.73 29.91 15.62
C THR A 288 39.96 30.80 14.41
N GLY A 289 38.91 31.08 13.67
CA GLY A 289 39.05 31.81 12.42
C GLY A 289 39.31 30.88 11.25
N SER A 290 39.19 29.56 11.45
CA SER A 290 39.31 28.55 10.40
C SER A 290 38.04 28.72 9.55
N SER A 291 38.15 28.69 8.21
CA SER A 291 36.97 28.87 7.36
C SER A 291 37.03 28.08 6.06
N LYS A 292 35.87 27.91 5.40
CA LYS A 292 35.81 27.17 4.13
C LYS A 292 34.66 27.72 3.33
N CYS A 293 34.90 28.07 2.05
CA CYS A 293 33.93 28.66 1.13
C CYS A 293 32.81 27.73 0.80
N VAL A 294 33.12 26.48 0.55
CA VAL A 294 32.12 25.48 0.23
C VAL A 294 32.29 24.28 1.10
N CYS A 295 31.59 24.27 2.22
CA CYS A 295 31.60 23.11 3.11
C CYS A 295 30.30 22.38 2.93
N SER A 296 30.30 21.29 2.17
CA SER A 296 29.10 20.48 1.97
C SER A 296 28.72 19.79 3.31
N VAL A 297 27.44 19.86 3.69
CA VAL A 297 26.97 19.31 4.94
C VAL A 297 25.74 18.45 4.65
N ILE A 298 25.71 17.23 5.20
CA ILE A 298 24.56 16.34 5.08
C ILE A 298 24.13 15.90 6.47
N ASP A 299 22.82 15.87 6.70
CA ASP A 299 22.30 15.40 7.98
C ASP A 299 21.88 13.94 7.82
N LEU A 300 22.81 13.05 8.04
CA LEU A 300 22.53 11.63 8.03
C LEU A 300 22.51 11.21 9.47
N LEU A 301 21.73 10.17 9.80
CA LEU A 301 21.78 9.55 11.16
C LEU A 301 23.21 8.99 11.28
N LEU A 302 23.94 9.30 12.34
CA LEU A 302 25.34 8.91 12.46
C LEU A 302 25.60 7.41 12.18
N ASP A 303 24.64 6.55 12.55
CA ASP A 303 24.70 5.10 12.30
C ASP A 303 24.65 4.82 10.80
N ASP A 304 23.83 5.57 10.07
CA ASP A 304 23.70 5.46 8.63
C ASP A 304 24.99 5.90 7.95
N PHE A 305 25.60 7.02 8.40
CA PHE A 305 26.87 7.48 7.80
C PHE A 305 28.00 6.48 8.07
N VAL A 306 28.10 6.00 9.33
CA VAL A 306 29.05 4.99 9.81
C VAL A 306 28.94 3.70 8.98
N GLU A 307 27.72 3.29 8.69
CA GLU A 307 27.46 2.09 7.89
C GLU A 307 27.92 2.30 6.45
N ILE A 308 27.71 3.51 5.91
CA ILE A 308 28.10 3.89 4.54
C ILE A 308 29.62 3.84 4.42
N ILE A 309 30.35 4.47 5.35
CA ILE A 309 31.80 4.54 5.28
C ILE A 309 32.45 3.18 5.60
N LYS A 310 31.96 2.45 6.61
CA LYS A 310 32.54 1.15 6.96
C LYS A 310 32.39 0.10 5.86
N SER A 311 31.39 0.24 4.98
CA SER A 311 31.19 -0.70 3.89
C SER A 311 31.92 -0.27 2.61
N GLN A 312 33.01 0.49 2.74
CA GLN A 312 33.79 0.94 1.58
C GLN A 312 35.18 0.32 1.53
N ASP A 313 35.65 0.01 0.31
CA ASP A 313 36.98 -0.57 0.09
C ASP A 313 37.99 0.57 0.19
N LEU A 314 39.06 0.37 0.98
CA LEU A 314 40.05 1.42 1.20
C LEU A 314 41.35 1.17 0.46
N SER A 315 41.28 0.52 -0.72
CA SER A 315 42.47 0.19 -1.51
C SER A 315 42.86 1.22 -2.56
N VAL A 316 41.95 2.10 -2.97
CA VAL A 316 42.24 3.08 -4.01
C VAL A 316 42.52 4.47 -3.45
N VAL A 317 43.38 5.25 -4.11
CA VAL A 317 43.70 6.61 -3.67
C VAL A 317 42.43 7.49 -3.66
N SER A 318 41.70 7.54 -4.79
CA SER A 318 40.48 8.34 -4.86
C SER A 318 39.44 7.74 -5.78
N LYS A 319 38.20 7.66 -5.31
CA LYS A 319 37.10 7.17 -6.11
C LYS A 319 35.76 7.84 -5.77
N VAL A 320 34.80 7.76 -6.69
CA VAL A 320 33.47 8.32 -6.47
C VAL A 320 32.61 7.24 -5.84
N VAL A 321 31.97 7.57 -4.72
CA VAL A 321 31.11 6.65 -4.00
C VAL A 321 29.69 7.16 -4.09
N LYS A 322 28.86 6.48 -4.87
CA LYS A 322 27.47 6.86 -5.06
C LYS A 322 26.59 6.21 -4.00
N VAL A 323 25.87 7.03 -3.22
CA VAL A 323 24.99 6.55 -2.15
C VAL A 323 23.61 7.12 -2.43
N THR A 324 22.57 6.27 -2.42
CA THR A 324 21.20 6.77 -2.63
C THR A 324 20.65 7.28 -1.29
N ILE A 325 20.51 8.62 -1.19
CA ILE A 325 19.98 9.36 -0.04
C ILE A 325 18.84 10.27 -0.55
N ASP A 326 17.64 10.16 0.07
CA ASP A 326 16.43 10.92 -0.27
C ASP A 326 15.93 10.64 -1.69
N TYR A 327 16.16 9.39 -2.17
CA TYR A 327 15.84 8.85 -3.50
C TYR A 327 16.80 9.35 -4.59
N THR A 328 17.85 10.11 -4.22
CA THR A 328 18.77 10.60 -5.23
C THR A 328 20.17 10.04 -5.02
N GLU A 329 20.92 9.89 -6.11
CA GLU A 329 22.27 9.38 -6.02
C GLU A 329 23.17 10.54 -5.64
N ILE A 330 23.64 10.50 -4.41
CA ILE A 330 24.56 11.47 -3.90
C ILE A 330 25.95 10.92 -4.11
N SER A 331 26.72 11.62 -4.93
CA SER A 331 28.10 11.25 -5.16
C SER A 331 28.94 11.79 -4.00
N PHE A 332 29.79 10.94 -3.44
CA PHE A 332 30.72 11.28 -2.38
C PHE A 332 32.12 11.07 -2.95
N MET A 333 33.11 11.74 -2.37
CA MET A 333 34.48 11.59 -2.81
C MET A 333 35.29 10.91 -1.73
N LEU A 334 35.70 9.66 -1.98
CA LEU A 334 36.49 8.92 -1.00
C LEU A 334 37.99 9.02 -1.31
N TRP A 335 38.78 9.45 -0.32
CA TRP A 335 40.21 9.57 -0.48
C TRP A 335 40.86 8.70 0.57
N CYS A 336 41.74 7.79 0.15
CA CYS A 336 42.41 6.86 1.06
C CYS A 336 43.93 6.87 0.89
N LYS A 337 44.64 6.34 1.89
CA LYS A 337 46.10 6.21 1.88
C LYS A 337 46.48 5.13 2.89
N ASP A 338 47.31 4.16 2.49
CA ASP A 338 47.80 3.04 3.31
C ASP A 338 46.71 2.19 4.02
N GLY A 339 45.53 2.10 3.42
CA GLY A 339 44.43 1.32 4.00
C GLY A 339 43.56 2.08 4.97
N HIS A 340 43.78 3.39 5.11
CA HIS A 340 42.98 4.22 5.99
C HIS A 340 42.35 5.36 5.21
N VAL A 341 41.17 5.80 5.63
CA VAL A 341 40.47 6.93 5.01
C VAL A 341 41.20 8.24 5.33
N GLU A 342 41.42 9.09 4.32
CA GLU A 342 42.04 10.39 4.49
C GLU A 342 40.86 11.39 4.66
N THR A 343 39.92 11.37 3.70
CA THR A 343 38.71 12.19 3.74
C THR A 343 37.55 11.53 2.97
N PHE A 344 36.33 11.89 3.31
CA PHE A 344 35.14 11.38 2.67
C PHE A 344 34.13 12.51 2.77
N TYR A 345 33.70 13.07 1.64
CA TYR A 345 32.81 14.21 1.66
C TYR A 345 31.83 14.19 0.51
N PRO A 346 30.61 14.77 0.67
CA PRO A 346 29.70 14.88 -0.48
C PRO A 346 30.39 15.65 -1.63
N LYS A 347 30.66 14.94 -2.75
CA LYS A 347 31.39 15.45 -3.90
C LYS A 347 30.84 16.74 -4.50
N LEU A 348 31.72 17.75 -4.51
CA LEU A 348 31.50 19.07 -5.07
C LEU A 348 31.61 18.90 -6.59
N GLN A 349 30.54 19.21 -7.33
CA GLN A 349 30.49 18.99 -8.78
C GLN A 349 30.92 20.20 -9.62
N ALA B 2 -33.37 -29.79 22.67
CA ALA B 2 -33.67 -31.22 22.70
C ALA B 2 -32.98 -31.94 21.53
N MET B 3 -31.67 -31.69 21.38
CA MET B 3 -30.78 -32.19 20.32
C MET B 3 -30.61 -33.70 20.25
N SER B 4 -30.84 -34.28 19.08
CA SER B 4 -30.70 -35.72 18.88
C SER B 4 -30.44 -36.07 17.43
N LEU B 5 -29.80 -37.21 17.19
CA LEU B 5 -29.52 -37.71 15.85
C LEU B 5 -30.83 -37.92 15.08
N GLU B 6 -31.82 -38.53 15.73
CA GLU B 6 -33.13 -38.82 15.17
C GLU B 6 -33.93 -37.58 14.82
N ASN B 7 -33.76 -36.50 15.60
CA ASN B 7 -34.43 -35.24 15.35
C ASN B 7 -33.76 -34.48 14.20
N VAL B 8 -32.42 -34.53 14.09
CA VAL B 8 -31.69 -33.88 13.00
C VAL B 8 -32.12 -34.51 11.67
N ALA B 9 -32.19 -35.85 11.64
CA ALA B 9 -32.60 -36.66 10.52
C ALA B 9 -34.02 -36.37 10.12
N PHE B 10 -34.92 -36.16 11.10
CA PHE B 10 -36.31 -35.80 10.87
C PHE B 10 -36.35 -34.47 10.10
N ASN B 11 -35.56 -33.50 10.54
CA ASN B 11 -35.48 -32.21 9.89
C ASN B 11 -34.90 -32.30 8.50
N VAL B 12 -33.93 -33.16 8.28
CA VAL B 12 -33.33 -33.34 6.97
C VAL B 12 -34.37 -33.92 6.03
N VAL B 13 -35.08 -34.94 6.48
CA VAL B 13 -36.14 -35.63 5.74
C VAL B 13 -37.34 -34.71 5.42
N ASN B 14 -37.87 -34.04 6.42
CA ASN B 14 -39.05 -33.22 6.25
C ASN B 14 -38.83 -31.79 5.79
N LYS B 15 -37.75 -31.14 6.23
CA LYS B 15 -37.48 -29.73 5.91
C LYS B 15 -36.30 -29.48 4.96
N GLY B 16 -35.67 -30.53 4.46
CA GLY B 16 -34.52 -30.38 3.57
C GLY B 16 -33.22 -29.98 4.24
N HIS B 17 -33.29 -29.62 5.54
CA HIS B 17 -32.19 -29.20 6.40
C HIS B 17 -32.72 -29.05 7.85
N PHE B 18 -31.85 -28.73 8.81
CA PHE B 18 -32.26 -28.54 10.20
C PHE B 18 -33.01 -27.23 10.30
N ASP B 19 -34.27 -27.30 10.77
CA ASP B 19 -35.15 -26.13 10.87
C ASP B 19 -35.84 -25.97 12.23
N GLY B 20 -35.25 -26.56 13.29
CA GLY B 20 -35.77 -26.49 14.64
C GLY B 20 -37.09 -27.23 14.87
N GLN B 21 -37.51 -28.05 13.90
CA GLN B 21 -38.75 -28.79 14.05
C GLN B 21 -38.60 -29.97 14.98
N GLN B 22 -39.70 -30.34 15.64
CA GLN B 22 -39.78 -31.45 16.56
C GLN B 22 -40.17 -32.70 15.78
N GLY B 23 -39.64 -33.82 16.18
CA GLY B 23 -39.94 -35.09 15.55
C GLY B 23 -38.71 -35.94 15.43
N GLU B 24 -38.91 -37.22 15.17
CA GLU B 24 -37.82 -38.16 15.03
C GLU B 24 -38.11 -39.13 13.94
N VAL B 25 -37.07 -39.50 13.19
CA VAL B 25 -37.12 -40.55 12.19
C VAL B 25 -36.09 -41.59 12.59
N PRO B 26 -36.35 -42.87 12.28
CA PRO B 26 -35.39 -43.93 12.65
C PRO B 26 -34.13 -43.90 11.80
N VAL B 27 -32.98 -43.84 12.45
CA VAL B 27 -31.69 -43.75 11.78
C VAL B 27 -30.81 -44.98 12.02
N SER B 28 -30.04 -45.35 11.00
CA SER B 28 -29.04 -46.38 11.14
C SER B 28 -27.73 -45.81 10.60
N ILE B 29 -26.64 -45.95 11.36
CA ILE B 29 -25.34 -45.46 10.96
C ILE B 29 -24.44 -46.61 10.59
N ILE B 30 -23.96 -46.61 9.33
CA ILE B 30 -23.09 -47.66 8.80
C ILE B 30 -21.92 -47.06 8.05
N ASN B 31 -20.67 -47.49 8.26
N ASN B 31 -20.77 -47.27 8.73
CA ASN B 31 -19.50 -47.03 7.47
CA ASN B 31 -19.43 -46.80 8.52
C ASN B 31 -19.58 -45.59 6.82
C ASN B 31 -19.42 -45.30 8.75
N ASN B 32 -19.42 -44.57 7.67
CA ASN B 32 -19.43 -43.12 7.49
C ASN B 32 -20.65 -42.62 6.77
N THR B 33 -21.78 -43.35 6.84
CA THR B 33 -23.01 -42.99 6.16
C THR B 33 -24.21 -43.06 7.11
N VAL B 34 -25.10 -42.05 7.02
CA VAL B 34 -26.32 -41.97 7.80
C VAL B 34 -27.47 -42.43 6.90
N TYR B 35 -28.33 -43.33 7.42
CA TYR B 35 -29.46 -43.84 6.67
C TYR B 35 -30.76 -43.65 7.42
N THR B 36 -31.88 -43.61 6.70
CA THR B 36 -33.20 -43.59 7.33
C THR B 36 -34.11 -44.66 6.72
N LYS B 37 -34.94 -45.31 7.54
CA LYS B 37 -35.88 -46.30 7.02
C LYS B 37 -37.03 -45.55 6.33
N VAL B 38 -37.18 -45.74 5.02
CA VAL B 38 -38.32 -45.19 4.31
C VAL B 38 -39.10 -46.37 3.80
N ASP B 39 -40.18 -46.71 4.52
CA ASP B 39 -41.05 -47.85 4.26
C ASP B 39 -40.27 -49.16 4.09
N GLY B 40 -39.54 -49.54 5.13
CA GLY B 40 -38.84 -50.80 5.16
C GLY B 40 -37.41 -50.82 4.65
N VAL B 41 -37.05 -49.92 3.73
CA VAL B 41 -35.68 -49.92 3.20
C VAL B 41 -34.91 -48.67 3.59
N ASP B 42 -33.59 -48.82 3.73
CA ASP B 42 -32.73 -47.70 4.10
C ASP B 42 -32.42 -46.79 2.95
N VAL B 43 -32.55 -45.51 3.21
CA VAL B 43 -32.28 -44.45 2.25
C VAL B 43 -31.13 -43.62 2.80
N GLU B 44 -30.09 -43.42 2.00
CA GLU B 44 -28.93 -42.64 2.43
C GLU B 44 -29.24 -41.15 2.54
N LEU B 45 -28.98 -40.57 3.72
CA LEU B 45 -29.18 -39.15 4.00
C LEU B 45 -27.91 -38.34 3.96
N PHE B 46 -26.79 -38.96 4.33
CA PHE B 46 -25.53 -38.22 4.43
C PHE B 46 -24.33 -39.14 4.37
N GLU B 47 -23.32 -38.74 3.60
CA GLU B 47 -22.08 -39.49 3.52
C GLU B 47 -20.99 -38.59 4.08
N ASN B 48 -20.43 -38.99 5.21
CA ASN B 48 -19.38 -38.25 5.86
C ASN B 48 -18.08 -38.22 5.09
N LYS B 49 -17.71 -37.04 4.59
CA LYS B 49 -16.42 -36.84 3.92
C LYS B 49 -15.39 -36.10 4.84
N THR B 50 -15.77 -35.82 6.10
CA THR B 50 -14.99 -35.06 7.05
C THR B 50 -14.08 -35.97 7.91
N THR B 51 -13.24 -35.35 8.73
CA THR B 51 -12.42 -36.02 9.73
C THR B 51 -13.17 -36.04 11.09
N LEU B 52 -14.45 -35.61 11.15
CA LEU B 52 -15.26 -35.60 12.36
C LEU B 52 -16.09 -36.91 12.39
N PRO B 53 -16.61 -37.31 13.58
CA PRO B 53 -17.48 -38.49 13.63
C PRO B 53 -18.70 -38.30 12.74
N VAL B 54 -19.11 -39.35 12.07
CA VAL B 54 -20.22 -39.34 11.10
C VAL B 54 -21.49 -38.63 11.64
N ASN B 55 -21.92 -38.93 12.87
CA ASN B 55 -23.12 -38.27 13.41
C ASN B 55 -22.91 -36.80 13.70
N VAL B 56 -21.69 -36.43 14.08
CA VAL B 56 -21.33 -35.06 14.36
C VAL B 56 -21.32 -34.24 13.06
N ALA B 57 -20.65 -34.74 12.01
CA ALA B 57 -20.62 -34.07 10.71
C ALA B 57 -22.02 -33.95 10.11
N PHE B 58 -22.90 -34.97 10.32
CA PHE B 58 -24.30 -34.98 9.86
C PHE B 58 -25.07 -33.77 10.45
N GLU B 59 -24.93 -33.55 11.75
CA GLU B 59 -25.58 -32.46 12.42
C GLU B 59 -25.05 -31.12 11.93
N LEU B 60 -23.74 -30.98 11.83
CA LEU B 60 -23.13 -29.72 11.37
C LEU B 60 -23.56 -29.38 9.93
N TRP B 61 -23.65 -30.39 9.08
CA TRP B 61 -24.08 -30.19 7.70
C TRP B 61 -25.56 -29.80 7.66
N ALA B 62 -26.42 -30.48 8.44
CA ALA B 62 -27.82 -30.15 8.53
C ALA B 62 -28.03 -28.73 9.06
N LYS B 63 -27.13 -28.27 9.95
CA LYS B 63 -27.18 -26.94 10.56
C LYS B 63 -26.34 -25.86 9.83
N ARG B 64 -25.98 -26.13 8.58
CA ARG B 64 -25.24 -25.21 7.73
C ARG B 64 -26.07 -23.97 7.41
N ASN B 65 -25.40 -22.84 7.14
CA ASN B 65 -26.07 -21.62 6.77
C ASN B 65 -26.62 -21.76 5.34
N ILE B 66 -27.95 -21.68 5.20
CA ILE B 66 -28.58 -21.75 3.89
C ILE B 66 -28.84 -20.35 3.28
N LYS B 67 -28.24 -19.31 3.84
CA LYS B 67 -28.34 -17.97 3.27
C LYS B 67 -27.09 -17.74 2.45
N PRO B 68 -27.08 -16.76 1.52
CA PRO B 68 -25.83 -16.49 0.78
C PRO B 68 -24.77 -16.02 1.78
N VAL B 69 -23.63 -16.69 1.87
CA VAL B 69 -22.59 -16.31 2.82
C VAL B 69 -21.26 -16.03 2.11
N PRO B 70 -20.29 -15.36 2.78
CA PRO B 70 -18.99 -15.15 2.14
C PRO B 70 -18.32 -16.48 1.74
N GLU B 71 -17.57 -16.48 0.63
CA GLU B 71 -16.86 -17.68 0.21
C GLU B 71 -15.76 -17.98 1.24
N VAL B 72 -15.48 -19.27 1.50
CA VAL B 72 -14.49 -19.74 2.47
C VAL B 72 -13.15 -19.06 2.28
N LYS B 73 -12.68 -18.87 1.01
CA LYS B 73 -11.43 -18.17 0.72
C LYS B 73 -11.41 -16.75 1.30
N ILE B 74 -12.54 -16.02 1.24
CA ILE B 74 -12.64 -14.67 1.79
C ILE B 74 -12.53 -14.74 3.32
N LEU B 75 -13.30 -15.63 3.94
CA LEU B 75 -13.32 -15.79 5.38
C LEU B 75 -11.92 -16.16 5.92
N ASN B 76 -11.19 -16.98 5.16
CA ASN B 76 -9.86 -17.48 5.47
C ASN B 76 -8.85 -16.37 5.33
N ASN B 77 -8.94 -15.60 4.25
CA ASN B 77 -8.01 -14.49 4.06
C ASN B 77 -8.20 -13.43 5.15
N LEU B 78 -9.41 -13.30 5.72
CA LEU B 78 -9.75 -12.41 6.83
C LEU B 78 -9.41 -12.96 8.21
N GLY B 79 -8.89 -14.17 8.30
CA GLY B 79 -8.50 -14.81 9.54
C GLY B 79 -9.63 -15.31 10.39
N VAL B 80 -10.77 -15.69 9.79
CA VAL B 80 -11.91 -16.18 10.55
C VAL B 80 -11.64 -17.61 11.10
N ASP B 81 -11.79 -17.76 12.41
CA ASP B 81 -11.56 -19.02 13.08
C ASP B 81 -12.84 -19.82 13.31
N ILE B 82 -13.93 -19.10 13.60
CA ILE B 82 -15.20 -19.68 14.01
C ILE B 82 -16.34 -18.75 13.62
N ALA B 83 -17.55 -19.30 13.41
CA ALA B 83 -18.72 -18.49 13.10
C ALA B 83 -19.63 -18.38 14.33
N ALA B 84 -20.40 -17.28 14.43
CA ALA B 84 -21.32 -17.11 15.54
C ALA B 84 -22.71 -17.66 15.26
N ASN B 85 -23.06 -18.73 15.97
CA ASN B 85 -24.37 -19.37 15.95
C ASN B 85 -24.85 -19.87 14.59
N THR B 86 -23.90 -20.35 13.78
CA THR B 86 -24.10 -20.94 12.46
C THR B 86 -22.91 -21.84 12.09
N VAL B 87 -23.02 -22.59 10.98
CA VAL B 87 -21.94 -23.40 10.47
C VAL B 87 -21.78 -23.00 9.02
N ILE B 88 -20.57 -22.56 8.65
CA ILE B 88 -20.28 -22.26 7.26
C ILE B 88 -19.81 -23.58 6.65
N TRP B 89 -20.63 -24.15 5.77
CA TRP B 89 -20.28 -25.38 5.11
C TRP B 89 -19.38 -25.09 3.94
N ASP B 90 -18.25 -25.80 3.89
CA ASP B 90 -17.26 -25.73 2.85
C ASP B 90 -17.63 -26.82 1.87
N TYR B 91 -18.32 -26.43 0.80
CA TYR B 91 -18.80 -27.37 -0.21
C TYR B 91 -17.69 -27.93 -1.09
N LYS B 92 -16.54 -27.24 -1.16
CA LYS B 92 -15.38 -27.69 -1.91
C LYS B 92 -14.62 -28.82 -1.19
N ARG B 93 -14.69 -28.83 0.14
CA ARG B 93 -14.06 -29.84 0.97
C ARG B 93 -15.07 -30.79 1.57
N ASP B 94 -16.40 -30.63 1.30
CA ASP B 94 -17.49 -31.43 1.88
C ASP B 94 -17.36 -31.51 3.39
N ALA B 95 -16.99 -30.39 4.02
CA ALA B 95 -16.72 -30.35 5.46
C ALA B 95 -17.02 -28.99 6.04
N PRO B 96 -17.16 -28.88 7.38
CA PRO B 96 -17.37 -27.55 7.98
C PRO B 96 -16.14 -26.68 7.76
N ALA B 97 -16.32 -25.39 7.47
CA ALA B 97 -15.17 -24.51 7.24
C ALA B 97 -14.33 -24.30 8.50
N HIS B 98 -14.95 -24.46 9.69
CA HIS B 98 -14.31 -24.24 10.98
C HIS B 98 -14.38 -25.49 11.88
N ILE B 99 -13.35 -25.68 12.73
CA ILE B 99 -13.22 -26.85 13.61
C ILE B 99 -14.32 -26.89 14.68
N SER B 100 -14.52 -25.75 15.37
CA SER B 100 -15.47 -25.63 16.47
C SER B 100 -16.68 -24.78 16.10
N THR B 101 -17.69 -24.85 16.96
CA THR B 101 -18.89 -24.06 16.77
C THR B 101 -19.22 -23.21 18.03
N ILE B 102 -20.17 -22.29 17.87
CA ILE B 102 -20.70 -21.47 18.94
C ILE B 102 -22.21 -21.60 18.85
N GLY B 103 -22.80 -22.22 19.87
CA GLY B 103 -24.25 -22.46 19.97
C GLY B 103 -24.90 -23.16 18.80
N VAL B 104 -24.26 -24.26 18.31
CA VAL B 104 -24.73 -25.06 17.17
C VAL B 104 -24.89 -26.56 17.48
N CYS B 105 -23.83 -27.21 17.95
CA CYS B 105 -23.79 -28.65 18.15
C CYS B 105 -22.99 -28.91 19.43
N SER B 106 -23.54 -29.66 20.38
CA SER B 106 -22.90 -29.89 21.66
C SER B 106 -21.55 -30.61 21.57
N MET B 107 -21.31 -31.35 20.48
CA MET B 107 -20.03 -32.06 20.31
C MET B 107 -18.90 -31.14 19.82
N THR B 108 -19.24 -30.09 19.07
CA THR B 108 -18.24 -29.16 18.53
C THR B 108 -18.23 -27.79 19.19
N ASP B 109 -19.23 -27.47 20.02
CA ASP B 109 -19.33 -26.17 20.67
C ASP B 109 -18.23 -25.85 21.67
N ILE B 110 -17.56 -24.69 21.49
CA ILE B 110 -16.63 -24.21 22.49
C ILE B 110 -17.34 -23.24 23.47
N ALA B 111 -18.51 -22.70 23.06
CA ALA B 111 -19.35 -21.76 23.78
C ALA B 111 -20.77 -21.82 23.17
N LYS B 112 -21.78 -21.33 23.91
CA LYS B 112 -23.14 -21.23 23.38
C LYS B 112 -23.34 -19.83 22.77
N LYS B 113 -22.78 -18.80 23.43
CA LYS B 113 -22.84 -17.42 22.96
C LYS B 113 -21.41 -16.93 22.64
N PRO B 114 -21.23 -16.09 21.59
CA PRO B 114 -19.88 -15.61 21.28
C PRO B 114 -19.29 -14.65 22.31
N THR B 115 -20.08 -14.18 23.27
CA THR B 115 -19.61 -13.27 24.32
C THR B 115 -18.79 -13.97 25.41
N GLU B 116 -18.76 -15.33 25.42
CA GLU B 116 -18.01 -16.11 26.40
C GLU B 116 -16.51 -15.98 26.15
N THR B 117 -15.72 -15.87 27.23
CA THR B 117 -14.26 -15.63 27.25
C THR B 117 -13.43 -16.47 26.29
N ILE B 118 -13.81 -17.72 26.02
CA ILE B 118 -13.11 -18.59 25.07
C ILE B 118 -13.06 -17.99 23.66
N CYS B 119 -14.09 -17.21 23.29
CA CYS B 119 -14.26 -16.58 21.97
C CYS B 119 -13.50 -15.29 21.79
N ALA B 120 -13.14 -14.61 22.89
CA ALA B 120 -12.43 -13.34 22.81
C ALA B 120 -11.15 -13.41 21.99
N PRO B 121 -10.24 -14.40 22.17
CA PRO B 121 -9.03 -14.44 21.34
C PRO B 121 -9.23 -14.92 19.88
N LEU B 122 -10.40 -15.49 19.57
CA LEU B 122 -10.70 -16.02 18.23
C LEU B 122 -11.44 -15.01 17.38
N THR B 123 -11.21 -15.01 16.08
CA THR B 123 -11.93 -14.12 15.16
C THR B 123 -13.27 -14.76 14.79
N VAL B 124 -14.31 -14.33 15.50
CA VAL B 124 -15.64 -14.82 15.31
C VAL B 124 -16.29 -14.12 14.10
N PHE B 125 -17.02 -14.86 13.29
CA PHE B 125 -17.71 -14.33 12.14
C PHE B 125 -19.09 -13.93 12.59
N PHE B 126 -19.48 -12.70 12.29
CA PHE B 126 -20.77 -12.14 12.62
C PHE B 126 -21.48 -11.75 11.36
N ASP B 127 -22.78 -12.03 11.36
CA ASP B 127 -23.65 -11.78 10.25
C ASP B 127 -24.66 -10.73 10.72
N GLY B 128 -24.48 -9.51 10.26
CA GLY B 128 -25.37 -8.40 10.54
C GLY B 128 -26.81 -8.63 10.12
N ARG B 129 -27.06 -9.64 9.27
CA ARG B 129 -28.43 -10.00 8.87
C ARG B 129 -29.16 -10.78 9.96
N VAL B 130 -28.44 -11.29 10.98
CA VAL B 130 -29.08 -11.96 12.10
C VAL B 130 -29.19 -10.90 13.21
N ASP B 131 -30.37 -10.80 13.83
CA ASP B 131 -30.61 -9.85 14.93
C ASP B 131 -29.57 -9.97 16.06
N GLY B 132 -28.99 -8.84 16.43
CA GLY B 132 -28.03 -8.77 17.53
C GLY B 132 -26.57 -9.02 17.21
N GLN B 133 -26.26 -9.43 15.96
CA GLN B 133 -24.87 -9.76 15.61
C GLN B 133 -23.99 -8.56 15.37
N VAL B 134 -24.57 -7.40 14.97
CA VAL B 134 -23.75 -6.17 14.82
C VAL B 134 -23.26 -5.75 16.21
N ASP B 135 -24.14 -5.79 17.23
CA ASP B 135 -23.79 -5.43 18.60
C ASP B 135 -22.79 -6.39 19.18
N LEU B 136 -22.96 -7.69 18.92
CA LEU B 136 -22.02 -8.72 19.39
C LEU B 136 -20.63 -8.48 18.82
N PHE B 137 -20.56 -8.04 17.56
CA PHE B 137 -19.32 -7.68 16.91
C PHE B 137 -18.71 -6.44 17.60
N ARG B 138 -19.53 -5.44 17.93
CA ARG B 138 -19.06 -4.22 18.61
C ARG B 138 -18.42 -4.55 19.95
N ASN B 139 -18.96 -5.53 20.68
CA ASN B 139 -18.41 -5.92 21.97
C ASN B 139 -17.37 -7.05 21.88
N ALA B 140 -17.20 -7.69 20.70
CA ALA B 140 -16.21 -8.76 20.51
C ALA B 140 -14.82 -8.18 20.34
N ARG B 141 -13.83 -8.82 20.95
CA ARG B 141 -12.43 -8.38 20.86
C ARG B 141 -11.96 -8.61 19.43
N ASN B 142 -12.23 -9.82 18.88
CA ASN B 142 -11.85 -10.18 17.52
C ASN B 142 -13.09 -10.63 16.74
N GLY B 143 -13.16 -10.28 15.47
CA GLY B 143 -14.31 -10.62 14.65
C GLY B 143 -14.33 -10.06 13.26
N VAL B 144 -15.17 -10.65 12.42
CA VAL B 144 -15.38 -10.21 11.05
C VAL B 144 -16.86 -10.07 10.88
N LEU B 145 -17.32 -8.92 10.42
CA LEU B 145 -18.74 -8.66 10.28
C LEU B 145 -19.14 -8.44 8.85
N ILE B 146 -20.31 -8.97 8.48
CA ILE B 146 -20.86 -8.69 7.17
C ILE B 146 -22.23 -8.06 7.34
N THR B 147 -22.53 -7.01 6.60
CA THR B 147 -23.84 -6.38 6.64
C THR B 147 -24.37 -6.14 5.20
N GLU B 148 -25.64 -5.83 5.07
CA GLU B 148 -26.21 -5.55 3.77
C GLU B 148 -26.12 -4.05 3.49
N GLY B 149 -26.29 -3.22 4.53
CA GLY B 149 -26.23 -1.77 4.44
C GLY B 149 -25.27 -1.16 5.42
N SER B 150 -25.47 0.13 5.74
CA SER B 150 -24.62 0.92 6.63
C SER B 150 -24.76 0.56 8.14
N VAL B 151 -23.64 0.67 8.86
CA VAL B 151 -23.56 0.46 10.30
C VAL B 151 -23.06 1.81 10.82
N LYS B 152 -23.84 2.49 11.67
CA LYS B 152 -23.46 3.80 12.19
C LYS B 152 -22.08 3.86 12.81
N GLY B 153 -21.27 4.80 12.31
CA GLY B 153 -19.92 5.01 12.78
C GLY B 153 -18.85 4.11 12.17
N LEU B 154 -19.24 2.90 11.70
CA LEU B 154 -18.30 1.93 11.13
C LEU B 154 -18.05 2.09 9.62
N GLN B 155 -16.80 2.42 9.24
CA GLN B 155 -16.43 2.56 7.83
C GLN B 155 -16.39 1.20 7.12
N PRO B 156 -17.13 1.06 6.01
CA PRO B 156 -17.23 -0.25 5.37
C PRO B 156 -16.24 -0.54 4.26
N SER B 157 -16.05 -1.83 4.02
CA SER B 157 -15.26 -2.32 2.93
C SER B 157 -16.26 -3.05 2.05
N VAL B 158 -16.44 -2.63 0.80
CA VAL B 158 -17.37 -3.26 -0.13
C VAL B 158 -16.72 -4.56 -0.57
N GLY B 159 -17.29 -5.68 -0.17
CA GLY B 159 -16.75 -6.99 -0.49
C GLY B 159 -17.02 -7.42 -1.90
N PRO B 160 -16.77 -8.72 -2.19
CA PRO B 160 -17.03 -9.19 -3.56
C PRO B 160 -18.53 -9.17 -3.89
N LYS B 161 -18.84 -9.12 -5.19
CA LYS B 161 -20.24 -9.12 -5.67
C LYS B 161 -20.90 -10.47 -5.41
N GLN B 162 -20.11 -11.55 -5.44
CA GLN B 162 -20.62 -12.89 -5.28
C GLN B 162 -20.54 -13.42 -3.85
N ALA B 163 -21.43 -14.35 -3.56
CA ALA B 163 -21.48 -15.05 -2.31
C ALA B 163 -21.80 -16.53 -2.64
N SER B 164 -21.64 -17.42 -1.66
CA SER B 164 -21.96 -18.82 -1.81
C SER B 164 -23.33 -19.08 -1.21
N LEU B 165 -24.29 -19.54 -2.03
CA LEU B 165 -25.60 -19.93 -1.56
C LEU B 165 -25.72 -21.43 -1.76
N ASN B 166 -25.70 -22.20 -0.65
CA ASN B 166 -25.79 -23.67 -0.70
C ASN B 166 -24.76 -24.36 -1.63
N GLY B 167 -23.58 -23.77 -1.73
CA GLY B 167 -22.53 -24.30 -2.58
C GLY B 167 -22.45 -23.67 -3.95
N VAL B 168 -23.39 -22.80 -4.28
CA VAL B 168 -23.42 -22.13 -5.57
C VAL B 168 -22.88 -20.71 -5.43
N THR B 169 -21.80 -20.40 -6.13
CA THR B 169 -21.24 -19.08 -6.12
C THR B 169 -21.97 -18.32 -7.19
N LEU B 170 -22.64 -17.23 -6.79
CA LEU B 170 -23.44 -16.43 -7.70
C LEU B 170 -23.52 -14.98 -7.25
N ILE B 171 -23.89 -14.11 -8.20
CA ILE B 171 -24.16 -12.71 -7.95
C ILE B 171 -25.69 -12.66 -7.90
N GLY B 172 -26.20 -12.31 -6.73
CA GLY B 172 -27.62 -12.34 -6.44
C GLY B 172 -28.45 -11.31 -7.16
N GLU B 173 -29.64 -11.71 -7.53
CA GLU B 173 -30.66 -10.86 -8.15
C GLU B 173 -31.91 -10.93 -7.24
N ALA B 174 -32.29 -12.15 -6.83
CA ALA B 174 -33.39 -12.32 -5.87
C ALA B 174 -32.91 -12.13 -4.41
N VAL B 175 -31.61 -12.23 -4.17
CA VAL B 175 -30.96 -12.10 -2.87
C VAL B 175 -29.76 -11.20 -2.97
N LYS B 176 -29.42 -10.56 -1.87
CA LYS B 176 -28.27 -9.69 -1.81
C LYS B 176 -27.05 -10.58 -1.55
N THR B 177 -26.01 -10.44 -2.38
CA THR B 177 -24.76 -11.19 -2.21
C THR B 177 -23.54 -10.26 -1.92
N GLN B 178 -23.69 -8.93 -2.16
CA GLN B 178 -22.61 -8.00 -1.85
C GLN B 178 -22.76 -7.47 -0.43
N PHE B 179 -21.74 -7.76 0.38
CA PHE B 179 -21.73 -7.38 1.77
C PHE B 179 -20.71 -6.30 2.05
N ASN B 180 -20.92 -5.62 3.17
CA ASN B 180 -20.00 -4.67 3.72
C ASN B 180 -19.20 -5.51 4.70
N TYR B 181 -17.90 -5.31 4.73
CA TYR B 181 -17.00 -6.06 5.57
C TYR B 181 -16.39 -5.17 6.59
N TYR B 182 -16.27 -5.71 7.81
CA TYR B 182 -15.66 -5.03 8.95
C TYR B 182 -14.78 -6.07 9.68
N LYS B 183 -13.68 -5.63 10.27
CA LYS B 183 -12.77 -6.54 10.97
C LYS B 183 -12.25 -5.85 12.21
N LYS B 184 -12.09 -6.61 13.28
CA LYS B 184 -11.58 -6.09 14.52
C LYS B 184 -10.48 -6.98 15.05
N VAL B 185 -9.35 -6.40 15.40
CA VAL B 185 -8.23 -7.11 15.98
C VAL B 185 -7.90 -6.46 17.32
N ASP B 186 -8.13 -7.19 18.41
CA ASP B 186 -7.85 -6.77 19.79
C ASP B 186 -8.66 -5.55 20.24
N GLY B 187 -9.91 -5.49 19.80
CA GLY B 187 -10.82 -4.41 20.12
C GLY B 187 -10.76 -3.25 19.14
N VAL B 188 -9.70 -3.16 18.36
CA VAL B 188 -9.52 -2.09 17.41
C VAL B 188 -10.17 -2.43 16.07
N VAL B 189 -11.10 -1.56 15.62
CA VAL B 189 -11.74 -1.66 14.32
C VAL B 189 -10.65 -1.41 13.30
N GLN B 190 -10.48 -2.32 12.36
CA GLN B 190 -9.42 -2.23 11.38
C GLN B 190 -9.83 -1.49 10.14
N GLN B 191 -8.83 -0.94 9.44
CA GLN B 191 -9.06 -0.32 8.15
C GLN B 191 -8.70 -1.45 7.17
N LEU B 192 -9.71 -2.07 6.55
CA LEU B 192 -9.45 -3.15 5.60
C LEU B 192 -8.70 -2.60 4.40
N PRO B 193 -7.69 -3.34 3.93
CA PRO B 193 -6.87 -2.81 2.83
C PRO B 193 -7.63 -2.71 1.52
N GLU B 194 -7.05 -1.97 0.58
CA GLU B 194 -7.51 -1.90 -0.82
C GLU B 194 -7.26 -3.30 -1.38
N THR B 195 -8.24 -3.86 -2.08
CA THR B 195 -8.11 -5.21 -2.59
C THR B 195 -8.81 -5.41 -3.91
N TYR B 196 -8.30 -6.32 -4.69
CA TYR B 196 -8.97 -6.81 -5.87
C TYR B 196 -9.80 -8.03 -5.37
N PHE B 197 -10.69 -8.58 -6.23
CA PHE B 197 -11.42 -9.78 -5.88
C PHE B 197 -11.36 -10.78 -7.01
N THR B 198 -11.22 -12.06 -6.65
CA THR B 198 -11.29 -13.12 -7.65
C THR B 198 -12.75 -13.27 -8.09
N GLN B 199 -12.98 -13.66 -9.37
CA GLN B 199 -14.33 -13.71 -9.92
C GLN B 199 -15.09 -15.02 -9.65
N SER B 200 -14.43 -16.02 -9.05
CA SER B 200 -15.02 -17.29 -8.68
C SER B 200 -15.81 -18.02 -9.77
N ARG B 201 -15.37 -17.90 -11.02
CA ARG B 201 -16.03 -18.57 -12.14
C ARG B 201 -15.57 -20.03 -12.34
N ASN B 202 -16.36 -20.78 -13.14
CA ASN B 202 -16.09 -22.18 -13.50
C ASN B 202 -15.56 -22.21 -14.92
N LEU B 203 -14.92 -23.31 -15.28
CA LEU B 203 -14.41 -23.50 -16.63
C LEU B 203 -15.58 -23.85 -17.58
N GLN B 204 -16.47 -24.79 -17.17
CA GLN B 204 -17.61 -25.27 -17.96
C GLN B 204 -18.59 -24.17 -18.32
N GLU B 205 -18.83 -23.23 -17.41
CA GLU B 205 -19.78 -22.16 -17.63
C GLU B 205 -19.17 -20.75 -17.45
N PHE B 206 -17.97 -20.52 -18.01
CA PHE B 206 -17.31 -19.23 -17.91
C PHE B 206 -18.01 -18.14 -18.73
N LYS B 207 -18.42 -17.07 -18.08
CA LYS B 207 -19.05 -15.94 -18.75
C LYS B 207 -18.21 -14.66 -18.58
N PRO B 208 -17.98 -13.94 -19.68
CA PRO B 208 -17.24 -12.67 -19.58
C PRO B 208 -17.99 -11.62 -18.76
N ARG B 209 -17.28 -10.91 -17.87
CA ARG B 209 -17.89 -9.87 -17.06
C ARG B 209 -17.43 -8.45 -17.46
N SER B 210 -16.89 -8.29 -18.68
CA SER B 210 -16.46 -7.00 -19.21
C SER B 210 -16.33 -7.06 -20.74
N GLN B 211 -16.15 -5.90 -21.41
CA GLN B 211 -15.95 -5.86 -22.86
C GLN B 211 -14.58 -6.42 -23.23
N MET B 212 -13.56 -6.16 -22.41
CA MET B 212 -12.23 -6.72 -22.65
C MET B 212 -12.28 -8.26 -22.62
N GLU B 213 -13.07 -8.83 -21.71
CA GLU B 213 -13.25 -10.28 -21.57
C GLU B 213 -14.06 -10.87 -22.71
N ILE B 214 -15.02 -10.09 -23.27
CA ILE B 214 -15.81 -10.53 -24.42
C ILE B 214 -14.88 -10.59 -25.64
N ASP B 215 -14.05 -9.54 -25.82
CA ASP B 215 -13.06 -9.41 -26.90
C ASP B 215 -12.01 -10.48 -26.81
N PHE B 216 -11.56 -10.82 -25.59
CA PHE B 216 -10.56 -11.88 -25.41
C PHE B 216 -11.12 -13.23 -25.86
N LEU B 217 -12.34 -13.55 -25.44
CA LEU B 217 -12.96 -14.82 -25.81
C LEU B 217 -13.35 -14.92 -27.27
N GLU B 218 -13.76 -13.80 -27.89
CA GLU B 218 -14.20 -13.84 -29.29
C GLU B 218 -13.04 -13.66 -30.28
N LEU B 219 -12.22 -12.63 -30.08
CA LEU B 219 -11.12 -12.33 -30.98
C LEU B 219 -9.95 -13.32 -30.92
N ALA B 220 -9.12 -13.32 -31.96
CA ALA B 220 -7.91 -14.10 -32.04
C ALA B 220 -6.81 -13.47 -31.16
N MET B 221 -5.80 -14.25 -30.77
CA MET B 221 -4.72 -13.81 -29.88
C MET B 221 -4.06 -12.47 -30.29
N ASP B 222 -3.40 -12.42 -31.46
CA ASP B 222 -2.68 -11.24 -31.91
C ASP B 222 -3.56 -10.02 -32.19
N GLU B 223 -4.85 -10.22 -32.45
CA GLU B 223 -5.75 -9.10 -32.67
C GLU B 223 -6.39 -8.58 -31.37
N PHE B 224 -6.46 -9.41 -30.31
CA PHE B 224 -6.95 -8.91 -29.02
C PHE B 224 -5.84 -8.04 -28.42
N ILE B 225 -4.60 -8.56 -28.40
CA ILE B 225 -3.42 -7.88 -27.88
C ILE B 225 -3.19 -6.53 -28.59
N GLU B 226 -3.48 -6.50 -29.90
CA GLU B 226 -3.36 -5.32 -30.75
C GLU B 226 -4.31 -4.25 -30.26
N ARG B 227 -5.57 -4.63 -30.02
CA ARG B 227 -6.63 -3.74 -29.56
C ARG B 227 -6.36 -3.14 -28.18
N TYR B 228 -5.84 -3.97 -27.26
CA TYR B 228 -5.63 -3.54 -25.88
C TYR B 228 -4.20 -3.14 -25.55
N LYS B 229 -3.36 -2.88 -26.58
CA LYS B 229 -1.97 -2.43 -26.45
C LYS B 229 -1.16 -3.32 -25.51
N LEU B 230 -1.37 -4.64 -25.58
CA LEU B 230 -0.70 -5.58 -24.69
C LEU B 230 0.58 -6.18 -25.25
N GLU B 231 1.19 -5.52 -26.24
CA GLU B 231 2.45 -5.98 -26.83
C GLU B 231 3.55 -5.78 -25.79
N GLY B 232 4.38 -6.79 -25.59
CA GLY B 232 5.47 -6.73 -24.63
C GLY B 232 5.10 -7.13 -23.21
N TYR B 233 3.88 -7.60 -22.98
CA TYR B 233 3.43 -8.00 -21.66
C TYR B 233 3.24 -9.50 -21.51
N ALA B 234 3.82 -10.30 -22.43
CA ALA B 234 3.77 -11.77 -22.44
C ALA B 234 2.37 -12.39 -22.21
N PHE B 235 1.29 -11.82 -22.79
CA PHE B 235 -0.05 -12.42 -22.65
C PHE B 235 -0.19 -13.73 -23.42
N GLU B 236 0.57 -13.86 -24.51
CA GLU B 236 0.68 -15.07 -25.32
C GLU B 236 1.12 -16.24 -24.41
N HIS B 237 2.04 -15.98 -23.45
CA HIS B 237 2.52 -16.99 -22.52
C HIS B 237 1.61 -17.05 -21.28
N ILE B 238 1.50 -15.94 -20.52
CA ILE B 238 0.72 -15.82 -19.27
C ILE B 238 -0.77 -16.20 -19.38
N VAL B 239 -1.52 -15.57 -20.27
CA VAL B 239 -2.96 -15.78 -20.34
C VAL B 239 -3.36 -16.83 -21.35
N TYR B 240 -2.88 -16.74 -22.58
CA TYR B 240 -3.24 -17.70 -23.62
C TYR B 240 -2.65 -19.08 -23.42
N GLY B 241 -1.42 -19.12 -22.93
CA GLY B 241 -0.74 -20.38 -22.70
C GLY B 241 0.02 -20.89 -23.91
N ASP B 242 1.18 -21.49 -23.67
CA ASP B 242 2.02 -22.05 -24.71
C ASP B 242 1.99 -23.58 -24.60
N PHE B 243 1.43 -24.24 -25.62
CA PHE B 243 1.31 -25.70 -25.62
C PHE B 243 2.28 -26.34 -26.63
N SER B 244 3.38 -25.66 -27.00
CA SER B 244 4.32 -26.20 -27.97
C SER B 244 5.42 -27.09 -27.38
N HIS B 245 5.85 -26.85 -26.13
CA HIS B 245 6.88 -27.67 -25.50
C HIS B 245 6.27 -28.68 -24.50
N SER B 246 7.06 -29.67 -24.04
CA SER B 246 6.59 -30.68 -23.08
C SER B 246 6.03 -30.07 -21.81
N GLN B 247 6.64 -28.98 -21.32
CA GLN B 247 6.10 -28.26 -20.17
C GLN B 247 5.19 -27.15 -20.73
N LEU B 248 3.92 -27.10 -20.26
CA LEU B 248 2.91 -26.12 -20.64
C LEU B 248 3.39 -24.78 -20.13
N GLY B 249 3.41 -23.80 -21.02
CA GLY B 249 3.88 -22.46 -20.68
C GLY B 249 2.76 -21.56 -20.25
N GLY B 250 2.95 -20.88 -19.12
CA GLY B 250 1.98 -19.94 -18.58
C GLY B 250 0.64 -20.58 -18.25
N LEU B 251 -0.44 -19.95 -18.78
CA LEU B 251 -1.83 -20.32 -18.58
C LEU B 251 -2.15 -20.21 -17.08
N HIS B 252 -2.13 -18.95 -16.56
CA HIS B 252 -2.35 -18.72 -15.12
C HIS B 252 -3.62 -17.96 -14.79
N LEU B 253 -4.39 -17.58 -15.79
CA LEU B 253 -5.61 -16.83 -15.60
C LEU B 253 -6.74 -17.69 -16.08
N LEU B 254 -7.79 -17.85 -15.27
CA LEU B 254 -8.92 -18.71 -15.61
C LEU B 254 -9.54 -18.39 -16.98
N ILE B 255 -9.62 -17.11 -17.37
CA ILE B 255 -10.15 -16.73 -18.69
C ILE B 255 -9.40 -17.43 -19.84
N GLY B 256 -8.09 -17.62 -19.70
CA GLY B 256 -7.28 -18.30 -20.71
C GLY B 256 -7.48 -19.80 -20.73
N LEU B 257 -7.85 -20.38 -19.59
CA LEU B 257 -8.18 -21.80 -19.51
C LEU B 257 -9.56 -22.03 -20.16
N ALA B 258 -10.50 -21.10 -19.93
CA ALA B 258 -11.86 -21.13 -20.47
C ALA B 258 -11.84 -21.02 -21.99
N LYS B 259 -10.93 -20.20 -22.55
CA LYS B 259 -10.83 -20.01 -23.99
C LYS B 259 -10.27 -21.30 -24.61
N ARG B 260 -9.22 -21.87 -24.00
CA ARG B 260 -8.64 -23.13 -24.45
C ARG B 260 -9.67 -24.25 -24.41
N PHE B 261 -10.50 -24.27 -23.36
CA PHE B 261 -11.54 -25.26 -23.12
C PHE B 261 -12.56 -25.41 -24.28
N LYS B 262 -12.91 -24.31 -24.99
CA LYS B 262 -13.86 -24.37 -26.10
C LYS B 262 -13.25 -25.10 -27.29
N GLU B 263 -11.95 -24.85 -27.56
CA GLU B 263 -11.25 -25.51 -28.65
C GLU B 263 -10.95 -26.97 -28.27
N SER B 264 -10.10 -27.20 -27.25
CA SER B 264 -9.74 -28.56 -26.87
C SER B 264 -9.76 -28.80 -25.37
N PRO B 265 -10.06 -30.04 -24.96
CA PRO B 265 -10.14 -30.34 -23.52
C PRO B 265 -8.80 -30.57 -22.86
N PHE B 266 -8.76 -30.48 -21.54
CA PHE B 266 -7.55 -30.71 -20.77
C PHE B 266 -7.93 -31.16 -19.37
N GLU B 267 -6.99 -31.84 -18.68
CA GLU B 267 -7.28 -32.30 -17.33
C GLU B 267 -6.64 -31.39 -16.29
N LEU B 268 -7.44 -30.93 -15.31
CA LEU B 268 -6.95 -30.11 -14.21
C LEU B 268 -7.06 -30.97 -12.98
N GLU B 269 -5.94 -31.43 -12.46
CA GLU B 269 -5.94 -32.22 -11.26
C GLU B 269 -5.79 -31.27 -10.10
N ASP B 270 -6.85 -31.16 -9.31
CA ASP B 270 -6.91 -30.30 -8.16
C ASP B 270 -6.35 -31.11 -6.96
N PHE B 271 -5.01 -31.16 -6.81
CA PHE B 271 -4.38 -31.99 -5.80
C PHE B 271 -4.52 -31.47 -4.35
N ILE B 272 -4.92 -30.21 -4.15
CA ILE B 272 -5.22 -29.68 -2.81
C ILE B 272 -6.63 -29.08 -2.94
N PRO B 273 -7.66 -29.94 -2.83
CA PRO B 273 -9.03 -29.45 -3.06
C PRO B 273 -9.59 -28.64 -1.91
N MET B 274 -9.55 -27.33 -2.08
CA MET B 274 -10.02 -26.38 -1.10
C MET B 274 -10.25 -25.04 -1.78
N ASP B 275 -10.95 -24.13 -1.10
CA ASP B 275 -11.19 -22.80 -1.60
C ASP B 275 -9.99 -21.92 -1.29
N SER B 276 -9.39 -21.34 -2.32
CA SER B 276 -8.28 -20.41 -2.17
C SER B 276 -8.25 -19.39 -3.31
N THR B 277 -7.74 -18.18 -3.02
CA THR B 277 -7.60 -17.08 -3.98
C THR B 277 -6.85 -17.56 -5.23
N VAL B 278 -5.72 -18.24 -5.02
CA VAL B 278 -4.95 -18.86 -6.09
C VAL B 278 -5.10 -20.38 -5.98
N LYS B 279 -5.35 -21.06 -7.11
CA LYS B 279 -5.51 -22.51 -7.12
C LYS B 279 -4.35 -23.16 -7.85
N ASN B 280 -3.94 -24.37 -7.43
CA ASN B 280 -2.85 -25.07 -8.13
C ASN B 280 -3.38 -26.32 -8.77
N TYR B 281 -3.02 -26.54 -10.03
CA TYR B 281 -3.48 -27.70 -10.76
C TYR B 281 -2.35 -28.42 -11.47
N PHE B 282 -2.48 -29.73 -11.65
CA PHE B 282 -1.54 -30.50 -12.44
C PHE B 282 -2.31 -30.56 -13.75
N ILE B 283 -1.92 -29.74 -14.72
CA ILE B 283 -2.65 -29.64 -15.98
C ILE B 283 -2.02 -30.47 -17.08
N THR B 284 -2.84 -31.23 -17.82
CA THR B 284 -2.39 -32.01 -18.96
C THR B 284 -3.27 -31.59 -20.14
N ASP B 285 -2.69 -30.96 -21.17
CA ASP B 285 -3.46 -30.57 -22.35
C ASP B 285 -3.69 -31.82 -23.24
N ALA B 286 -4.95 -32.24 -23.46
CA ALA B 286 -5.23 -33.47 -24.20
C ALA B 286 -4.90 -33.44 -25.71
N GLN B 287 -4.91 -32.26 -26.34
CA GLN B 287 -4.59 -32.15 -27.76
C GLN B 287 -3.11 -32.29 -28.04
N THR B 288 -2.28 -31.52 -27.33
CA THR B 288 -0.85 -31.51 -27.57
C THR B 288 -0.03 -32.44 -26.70
N GLY B 289 -0.50 -32.68 -25.48
CA GLY B 289 0.27 -33.45 -24.51
C GLY B 289 1.23 -32.56 -23.71
N SER B 290 1.12 -31.24 -23.85
CA SER B 290 1.89 -30.30 -23.07
C SER B 290 1.31 -30.38 -21.63
N SER B 291 2.18 -30.41 -20.60
CA SER B 291 1.67 -30.53 -19.22
C SER B 291 2.51 -29.79 -18.20
N LYS B 292 1.97 -29.57 -16.99
CA LYS B 292 2.68 -28.86 -15.93
C LYS B 292 2.16 -29.37 -14.60
N CYS B 293 3.06 -29.75 -13.69
CA CYS B 293 2.73 -30.29 -12.36
C CYS B 293 2.05 -29.30 -11.48
N VAL B 294 2.55 -28.08 -11.47
CA VAL B 294 1.98 -27.03 -10.64
C VAL B 294 1.71 -25.81 -11.47
N CYS B 295 0.52 -25.72 -12.01
CA CYS B 295 0.12 -24.55 -12.77
C CYS B 295 -0.80 -23.73 -11.89
N SER B 296 -0.29 -22.67 -11.30
CA SER B 296 -1.11 -21.80 -10.46
C SER B 296 -2.11 -21.05 -11.35
N VAL B 297 -3.37 -20.99 -10.94
CA VAL B 297 -4.43 -20.36 -11.71
C VAL B 297 -5.20 -19.41 -10.79
N ILE B 298 -5.43 -18.19 -11.25
CA ILE B 298 -6.21 -17.21 -10.52
C ILE B 298 -7.31 -16.70 -11.46
N ASP B 299 -8.52 -16.54 -10.92
CA ASP B 299 -9.60 -15.97 -11.70
C ASP B 299 -9.71 -14.50 -11.36
N LEU B 300 -8.99 -13.67 -12.10
CA LEU B 300 -9.08 -12.25 -11.97
C LEU B 300 -9.88 -11.76 -13.14
N LEU B 301 -10.61 -10.64 -12.98
CA LEU B 301 -11.27 -9.97 -14.13
C LEU B 301 -10.13 -9.53 -15.05
N LEU B 302 -10.18 -9.85 -16.34
CA LEU B 302 -9.07 -9.59 -17.25
C LEU B 302 -8.56 -8.13 -17.18
N ASP B 303 -9.47 -7.17 -16.96
CA ASP B 303 -9.15 -5.76 -16.83
C ASP B 303 -8.31 -5.52 -15.57
N ASP B 304 -8.64 -6.23 -14.48
CA ASP B 304 -7.91 -6.16 -13.23
C ASP B 304 -6.51 -6.73 -13.40
N PHE B 305 -6.37 -7.87 -14.09
CA PHE B 305 -5.06 -8.48 -14.32
C PHE B 305 -4.19 -7.60 -15.24
N VAL B 306 -4.81 -6.92 -16.22
CA VAL B 306 -4.08 -6.00 -17.10
C VAL B 306 -3.60 -4.79 -16.30
N GLU B 307 -4.42 -4.28 -15.38
CA GLU B 307 -4.07 -3.14 -14.52
C GLU B 307 -2.87 -3.49 -13.61
N ILE B 308 -2.87 -4.70 -13.07
CA ILE B 308 -1.77 -5.16 -12.21
C ILE B 308 -0.51 -5.28 -13.03
N ILE B 309 -0.53 -5.97 -14.18
CA ILE B 309 0.68 -6.13 -15.00
C ILE B 309 1.18 -4.77 -15.58
N LYS B 310 0.26 -3.86 -15.93
CA LYS B 310 0.55 -2.55 -16.51
C LYS B 310 1.14 -1.58 -15.50
N SER B 311 0.88 -1.79 -14.21
CA SER B 311 1.35 -0.93 -13.15
C SER B 311 2.60 -1.52 -12.48
N GLN B 312 3.45 -2.24 -13.25
CA GLN B 312 4.68 -2.82 -12.71
C GLN B 312 5.92 -2.25 -13.37
N ASP B 313 7.04 -2.32 -12.67
CA ASP B 313 8.31 -1.90 -13.21
C ASP B 313 8.89 -3.12 -13.93
N LEU B 314 9.06 -2.99 -15.25
CA LEU B 314 9.62 -4.05 -16.11
C LEU B 314 11.09 -3.72 -16.41
N SER B 315 11.93 -3.63 -15.38
CA SER B 315 13.36 -3.31 -15.58
C SER B 315 14.33 -4.25 -14.84
N VAL B 316 13.82 -4.99 -13.85
CA VAL B 316 14.63 -5.99 -13.14
C VAL B 316 14.38 -7.38 -13.75
N VAL B 317 15.37 -8.28 -13.70
CA VAL B 317 15.24 -9.63 -14.23
C VAL B 317 14.11 -10.38 -13.51
N SER B 318 14.14 -10.42 -12.17
CA SER B 318 13.11 -11.09 -11.41
C SER B 318 12.83 -10.44 -10.06
N LYS B 319 11.55 -10.23 -9.74
CA LYS B 319 11.17 -9.68 -8.45
C LYS B 319 9.80 -10.21 -7.96
N VAL B 320 9.53 -10.07 -6.65
CA VAL B 320 8.27 -10.50 -6.08
C VAL B 320 7.31 -9.32 -6.13
N VAL B 321 6.13 -9.52 -6.69
CA VAL B 321 5.10 -8.49 -6.83
C VAL B 321 3.93 -8.87 -5.96
N LYS B 322 3.75 -8.16 -4.85
CA LYS B 322 2.70 -8.38 -3.89
C LYS B 322 1.44 -7.64 -4.29
N VAL B 323 0.33 -8.36 -4.46
CA VAL B 323 -0.96 -7.79 -4.86
C VAL B 323 -1.97 -8.23 -3.85
N THR B 324 -2.81 -7.32 -3.35
CA THR B 324 -3.86 -7.67 -2.42
C THR B 324 -5.07 -8.13 -3.22
N ILE B 325 -5.42 -9.41 -3.08
CA ILE B 325 -6.55 -10.03 -3.74
C ILE B 325 -7.31 -10.76 -2.66
N ASP B 326 -8.62 -10.58 -2.62
CA ASP B 326 -9.52 -11.21 -1.65
C ASP B 326 -9.14 -10.90 -0.22
N TYR B 327 -8.56 -9.70 0.02
CA TYR B 327 -8.07 -9.20 1.30
C TYR B 327 -6.74 -9.77 1.70
N THR B 328 -6.21 -10.80 0.98
CA THR B 328 -4.91 -11.41 1.29
C THR B 328 -3.82 -10.93 0.38
N GLU B 329 -2.59 -10.95 0.87
CA GLU B 329 -1.45 -10.58 0.06
C GLU B 329 -1.01 -11.77 -0.77
N ILE B 330 -1.16 -11.65 -2.10
CA ILE B 330 -0.75 -12.66 -3.07
C ILE B 330 0.56 -12.26 -3.70
N SER B 331 1.57 -13.10 -3.51
CA SER B 331 2.85 -12.87 -4.12
C SER B 331 2.83 -13.43 -5.54
N PHE B 332 3.29 -12.63 -6.47
CA PHE B 332 3.44 -13.00 -7.86
C PHE B 332 4.92 -12.94 -8.18
N MET B 333 5.34 -13.64 -9.22
CA MET B 333 6.71 -13.64 -9.64
C MET B 333 6.83 -12.99 -10.99
N LEU B 334 7.43 -11.81 -11.04
CA LEU B 334 7.59 -11.09 -12.30
C LEU B 334 9.00 -11.34 -12.91
N TRP B 335 9.03 -11.81 -14.16
CA TRP B 335 10.27 -12.06 -14.86
C TRP B 335 10.31 -11.19 -16.09
N CYS B 336 11.35 -10.38 -16.25
CA CYS B 336 11.45 -9.46 -17.37
C CYS B 336 12.78 -9.58 -18.10
N LYS B 337 12.82 -9.05 -19.32
CA LYS B 337 14.02 -9.01 -20.15
C LYS B 337 13.85 -7.88 -21.17
N ASP B 338 14.86 -7.00 -21.28
CA ASP B 338 14.89 -5.85 -22.21
C ASP B 338 13.68 -4.88 -22.12
N GLY B 339 13.06 -4.78 -20.95
CA GLY B 339 11.90 -3.90 -20.77
C GLY B 339 10.54 -4.54 -21.09
N HIS B 340 10.54 -5.84 -21.39
CA HIS B 340 9.31 -6.55 -21.68
C HIS B 340 9.13 -7.71 -20.72
N VAL B 341 7.87 -8.06 -20.42
CA VAL B 341 7.58 -9.18 -19.53
C VAL B 341 7.95 -10.49 -20.22
N GLU B 342 8.58 -11.42 -19.49
CA GLU B 342 8.88 -12.75 -19.98
C GLU B 342 7.75 -13.64 -19.44
N THR B 343 7.51 -13.60 -18.12
CA THR B 343 6.41 -14.29 -17.44
C THR B 343 5.96 -13.57 -16.16
N PHE B 344 4.74 -13.81 -15.75
CA PHE B 344 4.17 -13.24 -14.54
C PHE B 344 3.19 -14.28 -14.05
N TYR B 345 3.43 -14.83 -12.86
CA TYR B 345 2.59 -15.90 -12.35
C TYR B 345 2.44 -15.84 -10.85
N PRO B 346 1.31 -16.31 -10.29
CA PRO B 346 1.21 -16.40 -8.82
C PRO B 346 2.35 -17.26 -8.24
N LYS B 347 3.21 -16.63 -7.41
CA LYS B 347 4.42 -17.20 -6.80
C LYS B 347 4.23 -18.53 -6.11
N LEU B 348 5.00 -19.53 -6.59
CA LEU B 348 5.02 -20.89 -6.04
C LEU B 348 6.01 -20.82 -4.87
N GLN B 349 5.52 -21.10 -3.67
CA GLN B 349 6.35 -21.05 -2.48
C GLN B 349 5.92 -22.16 -1.51
C1 CIT C . 39.19 20.35 3.38
O1 CIT C . 38.79 19.75 4.45
O2 CIT C . 39.99 21.26 3.42
C2 CIT C . 38.60 19.82 2.09
C3 CIT C . 37.38 18.89 2.15
O7 CIT C . 36.26 19.60 2.65
C4 CIT C . 37.01 18.44 0.72
C5 CIT C . 36.60 19.56 -0.19
O3 CIT C . 35.79 20.40 0.12
O4 CIT C . 37.21 19.51 -1.35
C6 CIT C . 37.59 17.62 2.97
O5 CIT C . 36.78 17.24 3.81
O6 CIT C . 38.64 16.92 2.60
N01 WUJ D . 12.77 2.66 -0.82
C02 WUJ D . 12.02 1.46 -1.17
N03 WUJ D . 11.96 1.05 -2.57
C04 WUJ D . 11.21 -0.13 -2.94
C05 WUJ D . 10.18 0.22 -4.01
C06 WUJ D . 9.16 -0.63 -4.44
C07 WUJ D . 8.46 0.05 -5.42
C08 WUJ D . 9.04 1.29 -5.56
O09 WUJ D . 10.07 1.37 -4.71
O10 WUJ D . 11.43 0.81 -0.35
C1 CIT E . 6.65 -21.66 -13.26
O1 CIT E . 7.64 -22.00 -12.62
O2 CIT E . 5.52 -22.31 -13.22
C2 CIT E . 6.64 -20.42 -14.14
C3 CIT E . 6.28 -20.56 -15.63
O7 CIT E . 7.04 -19.58 -16.35
C4 CIT E . 6.64 -21.98 -16.11
C5 CIT E . 6.43 -22.29 -17.57
O3 CIT E . 7.19 -23.25 -18.06
O4 CIT E . 5.63 -21.70 -18.23
C6 CIT E . 4.81 -20.22 -15.84
O5 CIT E . 3.99 -21.08 -15.25
O6 CIT E . 4.46 -19.20 -16.45
N01 WUJ F . -1.22 -9.36 18.46
C02 WUJ F . -1.02 -8.17 17.63
N03 WUJ F . -2.16 -7.44 17.11
C04 WUJ F . -2.01 -6.24 16.29
C05 WUJ F . -3.08 -5.20 16.63
C06 WUJ F . -3.56 -4.92 17.91
C07 WUJ F . -4.52 -3.92 17.76
C08 WUJ F . -4.59 -3.62 16.41
O09 WUJ F . -3.72 -4.39 15.75
O10 WUJ F . 0.09 -7.82 17.42
#